data_2GM8
#
_entry.id   2GM8
#
_cell.length_a   70.647
_cell.length_b   94.287
_cell.length_c   73.198
_cell.angle_alpha   90.00
_cell.angle_beta   113.65
_cell.angle_gamma   90.00
#
_symmetry.space_group_name_H-M   'P 1 21 1'
#
loop_
_entity.id
_entity.type
_entity.pdbx_description
1 polymer 'tenA homolog/Thi-4 Thiaminase'
2 non-polymer 4-AMINO-5-HYDROXYMETHYL-2-METHYLPYRIMIDINE
3 non-polymer 1,2-ETHANEDIOL
4 water water
#
_entity_poly.entity_id   1
_entity_poly.type   'polypeptide(L)'
_entity_poly.pdbx_seq_one_letter_code
;MALHHHHHHGVTGELRRRADGIWQRILAHPFVAELYAGTLPMEKFKYYLLQDYNYLVNFAKALSLAASRAPSVDLMKTAL
ELAYGTVTGEMANYEALLKEVGLSLRDAAEAEPNRVNVSYMAYLKSTCALEGFYQCMAALLPCFWSYAEIAERHGGKLRE
NPVHVYKKWASVYLSPEYRGLVERLRAVLDSSGLSAEELWPYFKEASLYELEFWQAAYEGH
;
_entity_poly.pdbx_strand_id   A,B,C,D
#
loop_
_chem_comp.id
_chem_comp.type
_chem_comp.name
_chem_comp.formula
EDO non-polymer 1,2-ETHANEDIOL 'C2 H6 O2'
HMH non-polymer 4-AMINO-5-HYDROXYMETHYL-2-METHYLPYRIMIDINE 'C6 H9 N3 O'
#
# COMPACT_ATOMS: atom_id res chain seq x y z
N HIS A 5 -7.54 37.80 5.07
CA HIS A 5 -6.07 38.02 5.24
C HIS A 5 -5.52 37.30 6.46
N HIS A 6 -6.36 37.11 7.48
CA HIS A 6 -5.94 36.46 8.73
C HIS A 6 -5.88 34.94 8.64
N HIS A 7 -6.46 34.36 7.59
CA HIS A 7 -6.35 32.93 7.34
C HIS A 7 -4.90 32.63 7.01
N HIS A 8 -4.19 33.64 6.51
CA HIS A 8 -2.78 33.54 6.18
C HIS A 8 -1.92 33.50 7.46
N HIS A 9 -2.32 32.67 8.42
CA HIS A 9 -1.63 32.57 9.71
C HIS A 9 -0.29 31.83 9.62
N GLY A 10 -0.35 30.55 9.25
CA GLY A 10 0.83 29.69 9.21
C GLY A 10 1.10 28.99 7.89
N VAL A 11 1.63 27.77 7.99
CA VAL A 11 2.05 27.03 6.81
C VAL A 11 0.98 26.97 5.73
N THR A 12 -0.24 26.66 6.12
CA THR A 12 -1.32 26.52 5.15
C THR A 12 -1.67 27.87 4.53
N GLY A 13 -1.54 28.93 5.30
CA GLY A 13 -1.77 30.26 4.76
C GLY A 13 -0.74 30.55 3.69
N GLU A 14 0.50 30.15 3.96
CA GLU A 14 1.59 30.36 3.03
C GLU A 14 1.25 29.61 1.75
N LEU A 15 0.78 28.37 1.89
CA LEU A 15 0.48 27.55 0.73
C LEU A 15 -0.60 28.18 -0.12
N ARG A 16 -1.66 28.64 0.55
CA ARG A 16 -2.79 29.27 -0.11
C ARG A 16 -2.35 30.52 -0.89
N ARG A 17 -1.47 31.28 -0.28
CA ARG A 17 -1.00 32.51 -0.90
C ARG A 17 -0.14 32.22 -2.11
N ARG A 18 0.70 31.19 -2.04
CA ARG A 18 1.52 30.79 -3.18
C ARG A 18 0.66 30.29 -4.35
N ALA A 19 -0.48 29.71 -4.02
CA ALA A 19 -1.38 29.17 -5.04
C ALA A 19 -2.39 30.20 -5.48
N ASP A 20 -2.21 31.45 -5.06
CA ASP A 20 -3.22 32.46 -5.33
C ASP A 20 -3.56 32.56 -6.81
N GLY A 21 -2.56 32.55 -7.66
CA GLY A 21 -2.81 32.59 -9.10
C GLY A 21 -3.74 31.48 -9.51
N ILE A 22 -3.49 30.27 -9.02
CA ILE A 22 -4.33 29.14 -9.38
C ILE A 22 -5.73 29.31 -8.79
N TRP A 23 -5.78 29.60 -7.50
CA TRP A 23 -7.08 29.67 -6.83
C TRP A 23 -7.98 30.79 -7.37
N GLN A 24 -7.40 31.92 -7.78
CA GLN A 24 -8.24 32.99 -8.33
C GLN A 24 -8.90 32.53 -9.63
N ARG A 25 -8.21 31.69 -10.39
CA ARG A 25 -8.80 31.15 -11.61
C ARG A 25 -9.91 30.15 -11.25
N ILE A 26 -9.71 29.42 -10.16
CA ILE A 26 -10.77 28.51 -9.70
C ILE A 26 -11.97 29.32 -9.21
N LEU A 27 -11.68 30.31 -8.37
CA LEU A 27 -12.75 31.12 -7.81
C LEU A 27 -13.55 31.85 -8.89
N ALA A 28 -12.89 32.18 -9.99
CA ALA A 28 -13.52 32.93 -11.05
C ALA A 28 -13.97 32.04 -12.21
N HIS A 29 -13.93 30.73 -11.99
CA HIS A 29 -14.29 29.81 -13.07
C HIS A 29 -15.77 29.88 -13.39
N PRO A 30 -16.10 29.91 -14.70
CA PRO A 30 -17.49 30.04 -15.13
C PRO A 30 -18.39 28.93 -14.62
N PHE A 31 -17.85 27.73 -14.44
CA PHE A 31 -18.68 26.64 -13.94
C PHE A 31 -19.19 27.01 -12.55
N VAL A 32 -18.25 27.45 -11.73
CA VAL A 32 -18.52 27.85 -10.36
C VAL A 32 -19.50 29.04 -10.33
N ALA A 33 -19.16 30.11 -11.03
CA ALA A 33 -19.99 31.31 -11.02
C ALA A 33 -21.41 31.03 -11.48
N GLU A 34 -21.56 30.20 -12.51
CA GLU A 34 -22.87 29.83 -13.04
C GLU A 34 -23.65 28.96 -12.05
N LEU A 35 -22.94 28.01 -11.45
CA LEU A 35 -23.55 27.08 -10.52
C LEU A 35 -24.16 27.84 -9.35
N TYR A 36 -23.41 28.77 -8.81
CA TYR A 36 -23.88 29.57 -7.67
C TYR A 36 -24.92 30.60 -8.11
N ALA A 37 -24.77 31.15 -9.31
CA ALA A 37 -25.71 32.15 -9.82
C ALA A 37 -27.05 31.50 -10.14
N GLY A 38 -27.02 30.23 -10.54
CA GLY A 38 -28.23 29.51 -10.91
C GLY A 38 -28.43 29.45 -12.41
N THR A 39 -27.43 29.88 -13.16
CA THR A 39 -27.46 29.89 -14.62
C THR A 39 -26.85 28.67 -15.29
N LEU A 40 -26.19 27.82 -14.52
CA LEU A 40 -25.53 26.66 -15.08
C LEU A 40 -26.54 25.71 -15.72
N PRO A 41 -26.29 25.27 -16.96
CA PRO A 41 -27.21 24.33 -17.62
C PRO A 41 -27.27 23.02 -16.85
N MET A 42 -28.47 22.49 -16.64
CA MET A 42 -28.62 21.26 -15.86
C MET A 42 -27.82 20.08 -16.39
N GLU A 43 -27.60 20.00 -17.70
CA GLU A 43 -26.82 18.89 -18.24
C GLU A 43 -25.38 18.93 -17.72
N LYS A 44 -24.81 20.12 -17.63
CA LYS A 44 -23.45 20.27 -17.12
C LYS A 44 -23.40 19.85 -15.65
N PHE A 45 -24.44 20.17 -14.89
CA PHE A 45 -24.47 19.80 -13.49
C PHE A 45 -24.57 18.29 -13.37
N LYS A 46 -25.42 17.70 -14.21
CA LYS A 46 -25.58 16.26 -14.22
C LYS A 46 -24.22 15.62 -14.51
N TYR A 47 -23.58 16.10 -15.57
CA TYR A 47 -22.28 15.57 -15.96
C TYR A 47 -21.30 15.71 -14.79
N TYR A 48 -21.30 16.87 -14.16
CA TYR A 48 -20.44 17.12 -13.01
C TYR A 48 -20.73 16.14 -11.87
N LEU A 49 -22.01 15.92 -11.57
CA LEU A 49 -22.35 15.01 -10.49
C LEU A 49 -21.83 13.60 -10.74
N LEU A 50 -21.97 13.11 -11.97
CA LEU A 50 -21.49 11.78 -12.28
C LEU A 50 -20.00 11.72 -12.02
N GLN A 51 -19.27 12.68 -12.59
CA GLN A 51 -17.83 12.69 -12.44
C GLN A 51 -17.43 12.82 -10.97
N ASP A 52 -18.05 13.77 -10.29
CA ASP A 52 -17.62 14.11 -8.94
C ASP A 52 -17.90 13.03 -7.92
N TYR A 53 -18.96 12.26 -8.17
CA TYR A 53 -19.32 11.20 -7.25
C TYR A 53 -18.21 10.16 -7.28
N ASN A 54 -17.73 9.83 -8.46
CA ASN A 54 -16.65 8.85 -8.60
C ASN A 54 -15.41 9.41 -7.90
N TYR A 55 -15.15 10.70 -8.06
CA TYR A 55 -14.04 11.34 -7.39
C TYR A 55 -14.14 11.21 -5.87
N LEU A 56 -15.33 11.39 -5.31
CA LEU A 56 -15.55 11.29 -3.88
C LEU A 56 -15.30 9.88 -3.36
N VAL A 57 -15.73 8.88 -4.12
CA VAL A 57 -15.46 7.51 -3.71
C VAL A 57 -13.95 7.33 -3.55
N ASN A 58 -13.24 7.78 -4.57
CA ASN A 58 -11.80 7.58 -4.62
C ASN A 58 -11.10 8.52 -3.65
N PHE A 59 -11.76 9.63 -3.36
CA PHE A 59 -11.22 10.55 -2.38
C PHE A 59 -11.30 9.86 -1.02
N ALA A 60 -12.42 9.19 -0.75
CA ALA A 60 -12.51 8.47 0.51
C ALA A 60 -11.44 7.39 0.59
N LYS A 61 -11.14 6.72 -0.52
CA LYS A 61 -10.11 5.68 -0.50
C LYS A 61 -8.74 6.27 -0.19
N ALA A 62 -8.50 7.47 -0.71
CA ALA A 62 -7.25 8.18 -0.49
C ALA A 62 -7.06 8.54 0.98
N LEU A 63 -8.14 9.00 1.61
CA LEU A 63 -8.09 9.32 3.02
C LEU A 63 -7.83 8.05 3.82
N SER A 64 -8.43 6.96 3.37
CA SER A 64 -8.25 5.67 4.03
C SER A 64 -6.79 5.28 4.01
N LEU A 65 -6.17 5.42 2.85
CA LEU A 65 -4.74 5.14 2.67
C LEU A 65 -3.88 6.00 3.58
N ALA A 66 -4.15 7.30 3.61
CA ALA A 66 -3.38 8.20 4.48
C ALA A 66 -3.58 7.75 5.92
N ALA A 67 -4.81 7.41 6.29
CA ALA A 67 -5.09 6.95 7.65
C ALA A 67 -4.28 5.71 7.97
N SER A 68 -4.15 4.80 7.01
CA SER A 68 -3.43 3.56 7.27
C SER A 68 -2.01 3.85 7.69
N ARG A 69 -1.54 5.07 7.42
CA ARG A 69 -0.16 5.39 7.72
CA ARG A 69 -0.15 5.43 7.64
C ARG A 69 0.03 6.66 8.54
N ALA A 70 -0.97 7.02 9.35
CA ALA A 70 -0.86 8.17 10.24
C ALA A 70 0.24 7.90 11.27
N PRO A 71 1.13 8.88 11.50
CA PRO A 71 2.19 8.72 12.49
C PRO A 71 1.74 8.89 13.95
N SER A 72 0.46 9.09 14.18
CA SER A 72 -0.04 9.14 15.55
C SER A 72 -1.50 8.71 15.52
N VAL A 73 -1.99 8.26 16.67
CA VAL A 73 -3.37 7.84 16.80
C VAL A 73 -4.29 8.99 16.45
N ASP A 74 -4.01 10.17 17.00
CA ASP A 74 -4.86 11.34 16.73
C ASP A 74 -4.91 11.63 15.23
N LEU A 75 -3.77 11.66 14.58
CA LEU A 75 -3.76 11.88 13.14
C LEU A 75 -4.58 10.83 12.42
N MET A 76 -4.46 9.57 12.83
CA MET A 76 -5.23 8.51 12.20
C MET A 76 -6.71 8.76 12.40
N LYS A 77 -7.10 9.19 13.59
CA LYS A 77 -8.48 9.56 13.86
C LYS A 77 -8.96 10.67 12.92
N THR A 78 -8.13 11.66 12.65
CA THR A 78 -8.52 12.77 11.78
C THR A 78 -8.80 12.32 10.36
N ALA A 79 -7.91 11.50 9.81
CA ALA A 79 -8.07 11.02 8.44
C ALA A 79 -9.32 10.15 8.32
N LEU A 80 -9.53 9.27 9.28
CA LEU A 80 -10.73 8.46 9.29
C LEU A 80 -11.99 9.31 9.40
N GLU A 81 -11.92 10.34 10.24
CA GLU A 81 -13.05 11.22 10.42
C GLU A 81 -13.32 11.92 9.10
N LEU A 82 -12.26 12.40 8.46
CA LEU A 82 -12.43 13.02 7.14
C LEU A 82 -13.01 12.01 6.15
N ALA A 83 -12.57 10.76 6.22
CA ALA A 83 -13.08 9.76 5.29
C ALA A 83 -14.53 9.38 5.54
N TYR A 84 -14.89 9.06 6.78
CA TYR A 84 -16.27 8.65 7.04
C TYR A 84 -17.15 9.86 6.85
N GLY A 85 -16.64 11.01 7.27
CA GLY A 85 -17.32 12.29 7.09
C GLY A 85 -17.58 12.61 5.63
N THR A 86 -16.74 12.11 4.73
CA THR A 86 -16.93 12.31 3.29
C THR A 86 -18.10 11.46 2.79
N VAL A 87 -18.20 10.21 3.27
CA VAL A 87 -19.33 9.34 3.00
C VAL A 87 -20.64 9.87 3.60
N THR A 88 -20.56 10.29 4.86
CA THR A 88 -21.70 10.77 5.65
C THR A 88 -22.21 12.17 5.29
N GLY A 89 -21.34 13.03 4.76
CA GLY A 89 -21.71 14.39 4.38
C GLY A 89 -21.84 14.47 2.88
N GLU A 90 -20.75 14.85 2.22
CA GLU A 90 -20.76 15.06 0.78
C GLU A 90 -21.42 13.92 -0.01
N MET A 91 -20.89 12.71 0.09
CA MET A 91 -21.46 11.61 -0.68
C MET A 91 -22.95 11.39 -0.43
N ALA A 92 -23.39 11.48 0.83
CA ALA A 92 -24.81 11.28 1.11
C ALA A 92 -25.54 12.37 0.33
N ASN A 93 -25.07 13.60 0.44
CA ASN A 93 -25.72 14.70 -0.27
C ASN A 93 -25.75 14.45 -1.79
N TYR A 94 -24.64 13.97 -2.34
CA TYR A 94 -24.55 13.68 -3.77
C TYR A 94 -25.55 12.59 -4.13
N GLU A 95 -25.53 11.48 -3.40
CA GLU A 95 -26.50 10.40 -3.62
C GLU A 95 -27.94 10.95 -3.73
N ALA A 96 -28.29 11.85 -2.83
CA ALA A 96 -29.62 12.47 -2.86
C ALA A 96 -29.76 13.42 -4.05
N LEU A 97 -28.71 14.14 -4.39
CA LEU A 97 -28.74 15.05 -5.54
C LEU A 97 -28.91 14.28 -6.86
N LEU A 98 -28.19 13.17 -7.01
CA LEU A 98 -28.35 12.32 -8.19
C LEU A 98 -29.80 11.84 -8.31
N LYS A 99 -30.33 11.31 -7.21
CA LYS A 99 -31.68 10.79 -7.19
C LYS A 99 -32.69 11.87 -7.60
N GLU A 100 -32.53 13.07 -7.06
CA GLU A 100 -33.47 14.15 -7.35
C GLU A 100 -33.39 14.57 -8.83
N VAL A 101 -32.23 14.35 -9.41
CA VAL A 101 -31.98 14.73 -10.79
C VAL A 101 -32.26 13.59 -11.76
N GLY A 102 -32.68 12.45 -11.23
CA GLY A 102 -33.09 11.32 -12.05
C GLY A 102 -31.95 10.42 -12.49
N LEU A 103 -30.88 10.43 -11.70
CA LEU A 103 -29.72 9.58 -11.95
C LEU A 103 -29.60 8.57 -10.82
N SER A 104 -29.30 7.32 -11.17
CA SER A 104 -29.14 6.28 -10.17
C SER A 104 -27.68 6.08 -9.78
N LEU A 105 -27.46 5.34 -8.68
CA LEU A 105 -26.13 4.96 -8.27
C LEU A 105 -25.51 4.09 -9.36
N ARG A 106 -26.36 3.33 -10.05
CA ARG A 106 -25.90 2.50 -11.16
C ARG A 106 -25.40 3.40 -12.28
N ASP A 107 -26.13 4.47 -12.59
CA ASP A 107 -25.66 5.45 -13.57
C ASP A 107 -24.29 5.98 -13.17
N ALA A 108 -24.12 6.23 -11.89
CA ALA A 108 -22.86 6.72 -11.33
C ALA A 108 -21.75 5.72 -11.60
N ALA A 109 -21.99 4.46 -11.25
CA ALA A 109 -21.02 3.40 -11.46
C ALA A 109 -20.68 3.25 -12.94
N GLU A 110 -21.60 3.59 -13.82
CA GLU A 110 -21.40 3.40 -15.25
C GLU A 110 -20.79 4.63 -15.93
N ALA A 111 -20.87 5.77 -15.26
CA ALA A 111 -20.29 6.99 -15.80
C ALA A 111 -18.78 6.81 -15.94
N GLU A 112 -18.26 7.03 -17.14
CA GLU A 112 -16.82 6.96 -17.36
C GLU A 112 -16.15 8.24 -16.89
N PRO A 113 -15.13 8.11 -16.02
CA PRO A 113 -14.45 9.32 -15.56
C PRO A 113 -13.71 9.98 -16.70
N ASN A 114 -13.73 11.31 -16.78
CA ASN A 114 -12.96 11.98 -17.81
C ASN A 114 -11.48 11.93 -17.45
N ARG A 115 -10.63 12.40 -18.35
CA ARG A 115 -9.19 12.29 -18.19
C ARG A 115 -8.63 13.00 -16.94
N VAL A 116 -9.17 14.16 -16.63
CA VAL A 116 -8.71 14.90 -15.48
C VAL A 116 -9.12 14.15 -14.23
N ASN A 117 -10.35 13.65 -14.23
CA ASN A 117 -10.84 12.88 -13.09
C ASN A 117 -9.93 11.68 -12.86
N VAL A 118 -9.59 10.98 -13.94
CA VAL A 118 -8.73 9.80 -13.81
C VAL A 118 -7.42 10.24 -13.19
N SER A 119 -6.86 11.31 -13.76
CA SER A 119 -5.53 11.79 -13.36
C SER A 119 -5.54 12.28 -11.92
N TYR A 120 -6.56 13.06 -11.57
CA TYR A 120 -6.67 13.61 -10.22
C TYR A 120 -6.85 12.47 -9.22
N MET A 121 -7.80 11.59 -9.48
CA MET A 121 -8.02 10.47 -8.56
C MET A 121 -6.73 9.69 -8.42
N ALA A 122 -6.05 9.45 -9.54
CA ALA A 122 -4.78 8.74 -9.49
C ALA A 122 -3.78 9.48 -8.60
N TYR A 123 -3.70 10.80 -8.78
CA TYR A 123 -2.72 11.57 -8.04
C TYR A 123 -2.95 11.47 -6.54
N LEU A 124 -4.20 11.58 -6.11
CA LEU A 124 -4.52 11.53 -4.68
C LEU A 124 -4.24 10.14 -4.13
N LYS A 125 -4.65 9.10 -4.85
CA LYS A 125 -4.41 7.73 -4.35
C LYS A 125 -2.93 7.36 -4.35
N SER A 126 -2.24 7.76 -5.41
CA SER A 126 -0.82 7.51 -5.51
C SER A 126 -0.11 8.17 -4.32
N THR A 127 -0.42 9.44 -4.13
CA THR A 127 0.20 10.18 -3.06
C THR A 127 -0.14 9.55 -1.72
N CYS A 128 -1.42 9.38 -1.45
CA CYS A 128 -1.83 8.81 -0.19
C CYS A 128 -1.36 7.39 0.07
N ALA A 129 -1.00 6.64 -0.96
CA ALA A 129 -0.46 5.29 -0.76
C ALA A 129 1.04 5.31 -0.57
N LEU A 130 1.74 6.36 -1.00
CA LEU A 130 3.19 6.31 -1.01
C LEU A 130 3.94 7.41 -0.28
N GLU A 131 3.35 8.58 -0.10
CA GLU A 131 4.06 9.71 0.48
C GLU A 131 3.84 9.86 1.99
N GLY A 132 4.62 10.76 2.58
CA GLY A 132 4.49 11.03 4.00
C GLY A 132 3.07 11.46 4.29
N PHE A 133 2.62 11.15 5.51
CA PHE A 133 1.27 11.50 5.88
C PHE A 133 0.98 12.99 5.67
N TYR A 134 1.85 13.88 6.10
CA TYR A 134 1.55 15.30 6.00
C TYR A 134 1.56 15.76 4.53
N GLN A 135 2.42 15.14 3.73
CA GLN A 135 2.41 15.43 2.30
C GLN A 135 1.06 15.08 1.69
N CYS A 136 0.47 13.99 2.17
CA CYS A 136 -0.84 13.55 1.70
C CYS A 136 -1.87 14.58 2.06
N MET A 137 -1.84 14.98 3.33
CA MET A 137 -2.76 15.99 3.81
C MET A 137 -2.63 17.25 2.96
N ALA A 138 -1.40 17.61 2.56
CA ALA A 138 -1.21 18.82 1.78
C ALA A 138 -1.85 18.64 0.42
N ALA A 139 -1.82 17.41 -0.09
CA ALA A 139 -2.44 17.12 -1.38
C ALA A 139 -3.96 17.11 -1.25
N LEU A 140 -4.48 16.80 -0.06
CA LEU A 140 -5.92 16.68 0.12
C LEU A 140 -6.54 18.02 0.50
N LEU A 141 -5.74 18.91 1.06
CA LEU A 141 -6.28 20.17 1.59
C LEU A 141 -6.97 21.05 0.55
N PRO A 142 -6.34 21.26 -0.61
CA PRO A 142 -6.94 22.11 -1.63
C PRO A 142 -8.35 21.67 -2.03
N CYS A 143 -8.52 20.36 -2.11
CA CYS A 143 -9.83 19.80 -2.46
C CYS A 143 -10.87 20.27 -1.46
N PHE A 144 -10.59 20.08 -0.19
CA PHE A 144 -11.50 20.50 0.86
C PHE A 144 -11.63 22.03 0.94
N TRP A 145 -10.49 22.70 0.95
CA TRP A 145 -10.47 24.14 1.21
C TRP A 145 -11.03 24.98 0.06
N SER A 146 -10.65 24.66 -1.18
CA SER A 146 -11.11 25.42 -2.33
C SER A 146 -12.64 25.45 -2.36
N TYR A 147 -13.26 24.30 -2.14
CA TYR A 147 -14.72 24.24 -2.09
C TYR A 147 -15.31 25.15 -1.02
N ALA A 148 -14.66 25.27 0.13
CA ALA A 148 -15.17 26.16 1.16
C ALA A 148 -15.02 27.61 0.71
N GLU A 149 -13.84 27.94 0.21
CA GLU A 149 -13.60 29.32 -0.19
C GLU A 149 -14.48 29.71 -1.37
N ILE A 150 -14.70 28.79 -2.31
CA ILE A 150 -15.60 29.03 -3.41
C ILE A 150 -16.96 29.46 -2.85
N ALA A 151 -17.43 28.70 -1.85
CA ALA A 151 -18.70 28.99 -1.19
C ALA A 151 -18.69 30.33 -0.51
N GLU A 152 -17.57 30.63 0.14
CA GLU A 152 -17.36 31.87 0.88
C GLU A 152 -17.38 33.06 -0.07
N ARG A 153 -17.08 32.82 -1.35
CA ARG A 153 -17.00 33.90 -2.33
C ARG A 153 -18.28 34.09 -3.14
N HIS A 154 -18.97 33.00 -3.45
CA HIS A 154 -20.18 33.04 -4.28
C HIS A 154 -21.46 32.77 -3.50
N GLY A 155 -21.32 32.64 -2.18
CA GLY A 155 -22.47 32.42 -1.30
C GLY A 155 -23.62 33.39 -1.48
N GLY A 156 -23.30 34.66 -1.65
CA GLY A 156 -24.29 35.71 -1.83
C GLY A 156 -25.28 35.51 -2.98
N LYS A 157 -24.82 34.91 -4.08
CA LYS A 157 -25.66 34.70 -5.26
C LYS A 157 -26.72 33.62 -5.05
N LEU A 158 -26.60 32.85 -3.97
CA LEU A 158 -27.55 31.77 -3.70
C LEU A 158 -28.96 32.28 -3.40
N ARG A 159 -29.05 33.43 -2.74
CA ARG A 159 -30.35 33.98 -2.41
C ARG A 159 -31.10 34.36 -3.68
N GLU A 160 -30.37 34.53 -4.78
CA GLU A 160 -30.99 34.83 -6.07
C GLU A 160 -30.91 33.62 -7.00
N ASN A 161 -30.50 32.47 -6.45
CA ASN A 161 -30.36 31.26 -7.25
C ASN A 161 -31.68 30.50 -7.28
N PRO A 162 -32.31 30.45 -8.47
CA PRO A 162 -33.62 29.82 -8.60
C PRO A 162 -33.60 28.29 -8.58
N VAL A 163 -32.42 27.69 -8.66
CA VAL A 163 -32.33 26.24 -8.78
C VAL A 163 -32.09 25.56 -7.44
N HIS A 164 -33.03 24.71 -7.05
CA HIS A 164 -32.98 24.08 -5.74
C HIS A 164 -31.82 23.13 -5.54
N VAL A 165 -31.54 22.29 -6.53
CA VAL A 165 -30.44 21.36 -6.38
C VAL A 165 -29.07 22.04 -6.31
N TYR A 166 -28.89 23.12 -7.06
CA TYR A 166 -27.63 23.85 -6.97
C TYR A 166 -27.48 24.39 -5.56
N LYS A 167 -28.57 24.90 -4.98
CA LYS A 167 -28.51 25.45 -3.62
C LYS A 167 -28.27 24.36 -2.58
N LYS A 168 -28.86 23.19 -2.77
CA LYS A 168 -28.64 22.08 -1.84
C LYS A 168 -27.21 21.57 -1.94
N TRP A 169 -26.68 21.52 -3.17
CA TRP A 169 -25.29 21.13 -3.36
C TRP A 169 -24.36 22.07 -2.59
N ALA A 170 -24.63 23.36 -2.72
CA ALA A 170 -23.78 24.39 -2.13
C ALA A 170 -23.88 24.41 -0.60
N SER A 171 -25.02 23.98 -0.05
CA SER A 171 -25.23 24.09 1.39
C SER A 171 -24.16 23.36 2.20
N VAL A 172 -23.66 22.24 1.69
CA VAL A 172 -22.64 21.51 2.46
C VAL A 172 -21.40 22.38 2.67
N TYR A 173 -20.96 23.06 1.62
CA TYR A 173 -19.71 23.83 1.65
C TYR A 173 -19.81 25.12 2.47
N LEU A 174 -21.04 25.54 2.76
CA LEU A 174 -21.27 26.70 3.62
C LEU A 174 -21.46 26.27 5.07
N SER A 175 -21.65 24.96 5.28
CA SER A 175 -22.00 24.44 6.60
C SER A 175 -20.82 24.48 7.56
N PRO A 176 -21.10 24.84 8.82
CA PRO A 176 -20.04 24.86 9.82
C PRO A 176 -19.33 23.50 9.91
N GLU A 177 -20.06 22.42 9.70
CA GLU A 177 -19.47 21.09 9.80
C GLU A 177 -18.39 20.88 8.74
N TYR A 178 -18.61 21.44 7.54
CA TYR A 178 -17.64 21.32 6.47
C TYR A 178 -16.47 22.26 6.69
N ARG A 179 -16.75 23.47 7.16
CA ARG A 179 -15.68 24.39 7.49
C ARG A 179 -14.83 23.85 8.62
N GLY A 180 -15.38 22.90 9.38
CA GLY A 180 -14.67 22.32 10.52
C GLY A 180 -13.72 21.24 10.05
N LEU A 181 -14.10 20.54 8.99
CA LEU A 181 -13.21 19.56 8.35
C LEU A 181 -12.03 20.35 7.79
N VAL A 182 -12.31 21.48 7.18
CA VAL A 182 -11.24 22.33 6.64
C VAL A 182 -10.33 22.81 7.76
N GLU A 183 -10.91 23.49 8.76
CA GLU A 183 -10.15 23.98 9.91
C GLU A 183 -9.29 22.91 10.56
N ARG A 184 -9.86 21.74 10.77
CA ARG A 184 -9.15 20.60 11.35
C ARG A 184 -7.99 20.11 10.50
N LEU A 185 -8.19 20.09 9.18
CA LEU A 185 -7.14 19.63 8.29
C LEU A 185 -6.01 20.67 8.28
N ARG A 186 -6.37 21.94 8.28
CA ARG A 186 -5.34 22.97 8.27
C ARG A 186 -4.51 22.97 9.54
N ALA A 187 -5.17 22.64 10.64
CA ALA A 187 -4.55 22.68 11.95
C ALA A 187 -3.49 21.57 12.00
N VAL A 188 -3.84 20.44 11.40
CA VAL A 188 -2.94 19.31 11.28
C VAL A 188 -1.67 19.69 10.55
N LEU A 189 -1.83 20.41 9.44
CA LEU A 189 -0.69 20.84 8.62
C LEU A 189 0.10 21.99 9.24
N ASP A 190 -0.59 22.91 9.88
CA ASP A 190 0.10 24.04 10.48
C ASP A 190 1.02 23.58 11.62
N SER A 191 0.67 22.46 12.24
CA SER A 191 1.45 21.92 13.36
C SER A 191 2.27 20.69 12.97
N SER A 192 2.37 20.43 11.68
CA SER A 192 3.03 19.23 11.20
C SER A 192 4.52 19.20 11.55
N GLY A 193 5.14 20.37 11.60
CA GLY A 193 6.57 20.46 11.86
C GLY A 193 7.30 20.58 10.54
N LEU A 194 6.54 20.77 9.47
CA LEU A 194 7.12 20.83 8.13
C LEU A 194 6.86 22.20 7.53
N SER A 195 7.72 22.59 6.60
CA SER A 195 7.64 23.91 5.97
C SER A 195 6.58 23.96 4.87
N ALA A 196 6.11 25.17 4.58
CA ALA A 196 5.26 25.38 3.43
C ALA A 196 5.97 24.90 2.16
N GLU A 197 7.28 25.08 2.12
CA GLU A 197 8.07 24.70 0.96
C GLU A 197 8.04 23.19 0.69
N GLU A 198 8.16 22.39 1.74
CA GLU A 198 8.13 20.93 1.63
C GLU A 198 6.77 20.43 1.17
N LEU A 199 5.73 21.14 1.60
CA LEU A 199 4.35 20.79 1.29
C LEU A 199 3.84 21.36 -0.05
N TRP A 200 4.52 22.39 -0.55
CA TRP A 200 4.06 23.11 -1.74
C TRP A 200 3.75 22.26 -2.97
N PRO A 201 4.66 21.34 -3.35
CA PRO A 201 4.43 20.56 -4.56
C PRO A 201 3.12 19.79 -4.51
N TYR A 202 2.75 19.33 -3.33
CA TYR A 202 1.53 18.54 -3.18
C TYR A 202 0.29 19.40 -3.24
N PHE A 203 0.36 20.55 -2.58
CA PHE A 203 -0.74 21.49 -2.51
C PHE A 203 -0.98 22.07 -3.90
N LYS A 204 0.12 22.38 -4.59
CA LYS A 204 0.08 22.92 -5.96
C LYS A 204 -0.58 21.98 -6.97
N GLU A 205 -0.11 20.75 -7.07
CA GLU A 205 -0.64 19.77 -8.01
C GLU A 205 -2.15 19.58 -7.83
N ALA A 206 -2.56 19.33 -6.60
CA ALA A 206 -3.97 19.21 -6.32
C ALA A 206 -4.75 20.48 -6.71
N SER A 207 -4.19 21.66 -6.43
CA SER A 207 -4.86 22.89 -6.82
C SER A 207 -4.99 22.97 -8.34
N LEU A 208 -3.95 22.57 -9.06
CA LEU A 208 -4.01 22.60 -10.53
C LEU A 208 -5.06 21.61 -11.04
N TYR A 209 -5.19 20.45 -10.40
CA TYR A 209 -6.24 19.51 -10.79
C TYR A 209 -7.64 20.05 -10.50
N GLU A 210 -7.81 20.78 -9.41
CA GLU A 210 -9.12 21.37 -9.11
C GLU A 210 -9.53 22.31 -10.24
N LEU A 211 -8.60 23.12 -10.72
CA LEU A 211 -8.90 24.00 -11.87
C LEU A 211 -9.26 23.19 -13.11
N GLU A 212 -8.47 22.19 -13.45
CA GLU A 212 -8.78 21.37 -14.63
C GLU A 212 -10.07 20.59 -14.47
N PHE A 213 -10.42 20.26 -13.23
CA PHE A 213 -11.62 19.48 -13.00
C PHE A 213 -12.85 20.33 -13.33
N TRP A 214 -12.89 21.56 -12.83
CA TRP A 214 -13.98 22.48 -13.17
C TRP A 214 -14.05 22.72 -14.69
N GLN A 215 -12.91 22.99 -15.31
CA GLN A 215 -12.90 23.17 -16.74
C GLN A 215 -13.48 21.95 -17.45
N ALA A 216 -13.03 20.76 -17.07
CA ALA A 216 -13.51 19.53 -17.68
C ALA A 216 -15.02 19.35 -17.50
N ALA A 217 -15.53 19.78 -16.35
CA ALA A 217 -16.96 19.64 -16.12
C ALA A 217 -17.73 20.68 -16.92
N TYR A 218 -17.09 21.82 -17.19
CA TYR A 218 -17.71 22.89 -17.94
C TYR A 218 -17.81 22.55 -19.41
N GLU A 219 -16.78 21.96 -20.00
CA GLU A 219 -16.91 21.62 -21.42
C GLU A 219 -17.32 20.20 -21.73
N GLY A 220 -17.90 19.55 -20.73
CA GLY A 220 -18.41 18.19 -20.87
C GLY A 220 -17.38 17.28 -21.54
N HIS A 221 -16.11 17.62 -21.34
CA HIS A 221 -14.96 16.94 -21.95
C HIS A 221 -15.17 15.56 -22.55
N HIS B 9 -25.56 -20.54 9.43
CA HIS B 9 -26.46 -20.76 8.27
C HIS B 9 -25.81 -20.61 6.89
N GLY B 10 -24.95 -19.60 6.71
CA GLY B 10 -24.26 -19.37 5.43
C GLY B 10 -22.76 -19.63 5.46
N VAL B 11 -22.03 -18.95 4.59
CA VAL B 11 -20.57 -19.08 4.56
C VAL B 11 -19.92 -18.79 5.91
N THR B 12 -20.35 -17.71 6.56
CA THR B 12 -19.73 -17.36 7.83
C THR B 12 -20.12 -18.35 8.92
N GLY B 13 -21.30 -18.93 8.81
CA GLY B 13 -21.71 -19.97 9.75
C GLY B 13 -20.82 -21.18 9.56
N GLU B 14 -20.49 -21.45 8.31
CA GLU B 14 -19.64 -22.58 7.98
C GLU B 14 -18.27 -22.32 8.62
N LEU B 15 -17.79 -21.09 8.49
CA LEU B 15 -16.48 -20.75 9.02
C LEU B 15 -16.46 -20.92 10.53
N ARG B 16 -17.48 -20.39 11.18
CA ARG B 16 -17.57 -20.48 12.63
C ARG B 16 -17.55 -21.93 13.08
N ARG B 17 -18.29 -22.77 12.37
CA ARG B 17 -18.39 -24.17 12.75
C ARG B 17 -17.04 -24.86 12.62
N ARG B 18 -16.34 -24.58 11.53
CA ARG B 18 -15.02 -25.17 11.33
C ARG B 18 -14.02 -24.74 12.39
N ALA B 19 -14.20 -23.54 12.92
CA ALA B 19 -13.28 -23.02 13.92
C ALA B 19 -13.79 -23.34 15.33
N ASP B 20 -14.80 -24.19 15.42
CA ASP B 20 -15.42 -24.46 16.71
C ASP B 20 -14.40 -24.90 17.76
N GLY B 21 -13.48 -25.78 17.37
CA GLY B 21 -12.44 -26.21 18.30
C GLY B 21 -11.69 -25.01 18.85
N ILE B 22 -11.32 -24.07 17.99
CA ILE B 22 -10.58 -22.90 18.45
C ILE B 22 -11.47 -22.01 19.31
N TRP B 23 -12.66 -21.72 18.81
CA TRP B 23 -13.53 -20.78 19.50
C TRP B 23 -13.94 -21.28 20.89
N GLN B 24 -14.16 -22.58 21.04
CA GLN B 24 -14.53 -23.07 22.36
C GLN B 24 -13.41 -22.85 23.36
N ARG B 25 -12.17 -22.90 22.88
CA ARG B 25 -11.03 -22.59 23.74
C ARG B 25 -11.02 -21.11 24.10
N ILE B 26 -11.37 -20.27 23.13
CA ILE B 26 -11.47 -18.83 23.43
C ILE B 26 -12.61 -18.57 24.41
N LEU B 27 -13.77 -19.14 24.14
CA LEU B 27 -14.93 -18.90 24.99
C LEU B 27 -14.69 -19.37 26.41
N ALA B 28 -13.88 -20.42 26.56
CA ALA B 28 -13.63 -20.97 27.89
C ALA B 28 -12.35 -20.43 28.50
N HIS B 29 -11.74 -19.43 27.87
CA HIS B 29 -10.44 -18.98 28.36
C HIS B 29 -10.59 -18.32 29.72
N PRO B 30 -9.64 -18.63 30.62
CA PRO B 30 -9.71 -18.09 31.97
C PRO B 30 -9.70 -16.57 32.01
N PHE B 31 -8.98 -15.94 31.10
CA PHE B 31 -8.95 -14.48 31.11
C PHE B 31 -10.38 -13.96 30.95
N VAL B 32 -11.05 -14.53 29.95
CA VAL B 32 -12.41 -14.14 29.62
C VAL B 32 -13.34 -14.43 30.80
N ALA B 33 -13.30 -15.68 31.27
CA ALA B 33 -14.18 -16.10 32.36
C ALA B 33 -13.99 -15.24 33.62
N GLU B 34 -12.75 -14.93 33.94
CA GLU B 34 -12.43 -14.10 35.09
C GLU B 34 -12.87 -12.65 34.88
N LEU B 35 -12.64 -12.14 33.67
CA LEU B 35 -12.99 -10.77 33.36
C LEU B 35 -14.49 -10.57 33.55
N TYR B 36 -15.28 -11.49 33.02
CA TYR B 36 -16.72 -11.37 33.12
C TYR B 36 -17.20 -11.66 34.53
N ALA B 37 -16.54 -12.58 35.22
CA ALA B 37 -16.93 -12.96 36.57
C ALA B 37 -16.63 -11.83 37.53
N GLY B 38 -15.56 -11.09 37.25
CA GLY B 38 -15.14 -10.01 38.12
C GLY B 38 -13.94 -10.40 38.96
N THR B 39 -13.40 -11.59 38.72
CA THR B 39 -12.26 -12.11 39.49
C THR B 39 -10.87 -11.83 38.90
N LEU B 40 -10.85 -11.28 37.68
CA LEU B 40 -9.58 -11.00 37.04
C LEU B 40 -8.79 -9.96 37.81
N PRO B 41 -7.53 -10.28 38.15
CA PRO B 41 -6.68 -9.29 38.80
C PRO B 41 -6.51 -8.02 37.96
N MET B 42 -6.67 -6.86 38.57
CA MET B 42 -6.60 -5.60 37.84
C MET B 42 -5.31 -5.42 37.04
N GLU B 43 -4.19 -5.95 37.53
CA GLU B 43 -2.95 -5.79 36.80
C GLU B 43 -3.06 -6.46 35.42
N LYS B 44 -3.69 -7.63 35.35
CA LYS B 44 -3.87 -8.30 34.08
C LYS B 44 -4.77 -7.49 33.15
N PHE B 45 -5.80 -6.87 33.70
CA PHE B 45 -6.67 -6.04 32.88
C PHE B 45 -5.92 -4.82 32.36
N LYS B 46 -5.14 -4.19 33.21
CA LYS B 46 -4.33 -3.05 32.83
C LYS B 46 -3.37 -3.46 31.71
N TYR B 47 -2.67 -4.56 31.93
CA TYR B 47 -1.76 -5.09 30.90
C TYR B 47 -2.53 -5.33 29.60
N TYR B 48 -3.70 -5.94 29.70
CA TYR B 48 -4.54 -6.18 28.54
C TYR B 48 -4.94 -4.87 27.86
N LEU B 49 -5.33 -3.86 28.62
CA LEU B 49 -5.76 -2.60 28.01
C LEU B 49 -4.65 -1.97 27.20
N LEU B 50 -3.44 -2.00 27.75
CA LEU B 50 -2.30 -1.41 27.05
C LEU B 50 -2.11 -2.13 25.73
N GLN B 51 -2.08 -3.47 25.78
CA GLN B 51 -1.85 -4.23 24.56
C GLN B 51 -2.96 -4.03 23.55
N ASP B 52 -4.20 -4.15 24.02
CA ASP B 52 -5.34 -4.14 23.13
C ASP B 52 -5.60 -2.79 22.50
N TYR B 53 -5.27 -1.71 23.20
CA TYR B 53 -5.46 -0.39 22.63
C TYR B 53 -4.60 -0.28 21.39
N ASN B 54 -3.35 -0.71 21.53
CA ASN B 54 -2.42 -0.71 20.40
C ASN B 54 -3.04 -1.54 19.27
N TYR B 55 -3.69 -2.64 19.65
CA TYR B 55 -4.27 -3.53 18.66
C TYR B 55 -5.38 -2.83 17.88
N LEU B 56 -6.21 -2.09 18.60
CA LEU B 56 -7.32 -1.39 18.00
C LEU B 56 -6.83 -0.30 17.05
N VAL B 57 -5.76 0.41 17.40
CA VAL B 57 -5.23 1.42 16.48
C VAL B 57 -4.91 0.74 15.16
N ASN B 58 -4.18 -0.36 15.26
CA ASN B 58 -3.70 -1.06 14.08
C ASN B 58 -4.81 -1.80 13.39
N PHE B 59 -5.84 -2.13 14.15
CA PHE B 59 -7.02 -2.75 13.60
C PHE B 59 -7.72 -1.71 12.72
N ALA B 60 -7.80 -0.47 13.20
CA ALA B 60 -8.39 0.60 12.40
C ALA B 60 -7.61 0.80 11.10
N LYS B 61 -6.28 0.72 11.20
CA LYS B 61 -5.46 0.91 10.00
C LYS B 61 -5.75 -0.20 9.00
N ALA B 62 -5.96 -1.42 9.49
CA ALA B 62 -6.25 -2.58 8.65
C ALA B 62 -7.54 -2.39 7.87
N LEU B 63 -8.55 -1.89 8.58
CA LEU B 63 -9.85 -1.66 7.98
C LEU B 63 -9.69 -0.59 6.93
N SER B 64 -8.81 0.37 7.20
CA SER B 64 -8.55 1.47 6.28
C SER B 64 -8.00 0.93 4.99
N LEU B 65 -7.00 0.05 5.11
CA LEU B 65 -6.39 -0.59 3.95
C LEU B 65 -7.43 -1.36 3.15
N ALA B 66 -8.23 -2.15 3.83
CA ALA B 66 -9.22 -2.97 3.14
C ALA B 66 -10.18 -2.03 2.41
N ALA B 67 -10.56 -0.93 3.06
CA ALA B 67 -11.42 0.06 2.41
C ALA B 67 -10.76 0.62 1.16
N SER B 68 -9.46 0.88 1.20
CA SER B 68 -8.81 1.48 0.05
C SER B 68 -9.00 0.60 -1.17
N ARG B 69 -9.36 -0.66 -0.94
CA ARG B 69 -9.46 -1.64 -2.02
CA ARG B 69 -9.42 -1.68 -1.98
C ARG B 69 -10.80 -2.34 -2.13
N ALA B 70 -11.85 -1.71 -1.63
CA ALA B 70 -13.17 -2.30 -1.73
C ALA B 70 -13.58 -2.34 -3.20
N PRO B 71 -14.09 -3.49 -3.67
CA PRO B 71 -14.51 -3.63 -5.06
C PRO B 71 -15.83 -2.94 -5.39
N SER B 72 -16.44 -2.28 -4.41
CA SER B 72 -17.67 -1.54 -4.66
C SER B 72 -17.79 -0.39 -3.66
N VAL B 73 -18.52 0.64 -4.06
CA VAL B 73 -18.72 1.80 -3.22
C VAL B 73 -19.29 1.37 -1.88
N ASP B 74 -20.31 0.52 -1.94
CA ASP B 74 -20.98 0.02 -0.75
C ASP B 74 -20.04 -0.72 0.19
N LEU B 75 -19.25 -1.64 -0.36
CA LEU B 75 -18.25 -2.32 0.43
C LEU B 75 -17.26 -1.34 1.06
N MET B 76 -16.82 -0.34 0.29
CA MET B 76 -15.91 0.66 0.85
C MET B 76 -16.59 1.35 2.03
N LYS B 77 -17.88 1.64 1.93
CA LYS B 77 -18.57 2.29 3.04
C LYS B 77 -18.58 1.44 4.31
N THR B 78 -18.86 0.15 4.14
CA THR B 78 -18.91 -0.79 5.25
C THR B 78 -17.61 -0.82 6.03
N ALA B 79 -16.50 -0.97 5.32
CA ALA B 79 -15.17 -1.02 5.92
C ALA B 79 -14.92 0.30 6.65
N LEU B 80 -15.24 1.39 5.98
CA LEU B 80 -15.10 2.71 6.55
C LEU B 80 -15.95 2.85 7.81
N GLU B 81 -17.18 2.35 7.78
CA GLU B 81 -18.00 2.45 8.99
C GLU B 81 -17.43 1.58 10.11
N LEU B 82 -16.84 0.45 9.76
CA LEU B 82 -16.23 -0.43 10.75
C LEU B 82 -15.00 0.25 11.38
N ALA B 83 -14.18 0.85 10.53
CA ALA B 83 -13.00 1.50 11.01
C ALA B 83 -13.42 2.62 11.95
N TYR B 84 -14.23 3.55 11.45
CA TYR B 84 -14.61 4.72 12.23
C TYR B 84 -15.41 4.33 13.47
N GLY B 85 -16.31 3.37 13.35
CA GLY B 85 -17.08 2.88 14.49
C GLY B 85 -16.16 2.25 15.52
N THR B 86 -14.99 1.81 15.08
CA THR B 86 -13.98 1.26 15.97
C THR B 86 -13.35 2.41 16.76
N VAL B 87 -13.11 3.53 16.09
CA VAL B 87 -12.63 4.72 16.79
C VAL B 87 -13.64 5.23 17.82
N THR B 88 -14.82 5.61 17.34
CA THR B 88 -15.86 6.21 18.16
C THR B 88 -16.58 5.25 19.09
N GLY B 89 -16.51 3.95 18.81
CA GLY B 89 -17.15 2.98 19.70
C GLY B 89 -16.14 2.42 20.68
N GLU B 90 -15.52 1.32 20.29
CA GLU B 90 -14.57 0.61 21.14
C GLU B 90 -13.39 1.45 21.59
N MET B 91 -12.73 2.18 20.69
CA MET B 91 -11.58 2.94 21.14
C MET B 91 -11.89 4.05 22.13
N ALA B 92 -13.02 4.72 21.96
CA ALA B 92 -13.41 5.78 22.88
C ALA B 92 -13.59 5.18 24.27
N ASN B 93 -14.19 3.99 24.34
CA ASN B 93 -14.41 3.29 25.61
C ASN B 93 -13.07 2.97 26.27
N TYR B 94 -12.15 2.40 25.49
CA TYR B 94 -10.83 2.03 26.01
C TYR B 94 -10.10 3.26 26.52
N GLU B 95 -10.31 4.39 25.86
CA GLU B 95 -9.72 5.65 26.30
C GLU B 95 -10.30 6.02 27.67
N ALA B 96 -11.61 5.85 27.83
CA ALA B 96 -12.26 6.13 29.11
C ALA B 96 -11.79 5.15 30.18
N LEU B 97 -11.72 3.87 29.82
CA LEU B 97 -11.21 2.83 30.71
C LEU B 97 -9.76 3.07 31.15
N LEU B 98 -8.87 3.36 30.20
CA LEU B 98 -7.49 3.65 30.55
C LEU B 98 -7.39 4.82 31.55
N LYS B 99 -8.09 5.90 31.25
CA LYS B 99 -8.12 7.07 32.12
C LYS B 99 -8.64 6.73 33.51
N GLU B 100 -9.72 5.95 33.57
CA GLU B 100 -10.32 5.60 34.86
C GLU B 100 -9.36 4.73 35.67
N VAL B 101 -8.52 3.97 34.98
CA VAL B 101 -7.59 3.07 35.64
C VAL B 101 -6.22 3.70 35.88
N GLY B 102 -6.12 4.97 35.54
CA GLY B 102 -4.90 5.72 35.84
C GLY B 102 -3.80 5.56 34.82
N LEU B 103 -4.16 5.20 33.60
CA LEU B 103 -3.21 5.05 32.51
C LEU B 103 -3.49 6.13 31.47
N SER B 104 -2.44 6.77 30.98
CA SER B 104 -2.58 7.82 29.97
C SER B 104 -2.43 7.26 28.56
N LEU B 105 -2.83 8.07 27.59
CA LEU B 105 -2.61 7.72 26.18
C LEU B 105 -1.11 7.62 25.92
N ARG B 106 -0.34 8.43 26.64
CA ARG B 106 1.11 8.35 26.54
C ARG B 106 1.58 6.97 27.01
N ASP B 107 1.05 6.51 28.15
CA ASP B 107 1.38 5.17 28.65
C ASP B 107 1.06 4.13 27.60
N ALA B 108 -0.04 4.34 26.90
CA ALA B 108 -0.47 3.46 25.81
C ALA B 108 0.54 3.46 24.67
N ALA B 109 0.94 4.63 24.19
CA ALA B 109 1.95 4.72 23.14
C ALA B 109 3.29 4.12 23.55
N GLU B 110 3.57 4.08 24.86
CA GLU B 110 4.86 3.59 25.32
C GLU B 110 4.84 2.10 25.62
N ALA B 111 3.64 1.55 25.81
CA ALA B 111 3.49 0.12 26.07
C ALA B 111 4.05 -0.68 24.90
N GLU B 112 5.00 -1.57 25.19
CA GLU B 112 5.55 -2.44 24.16
C GLU B 112 4.60 -3.59 23.86
N PRO B 113 4.27 -3.76 22.57
CA PRO B 113 3.35 -4.83 22.24
C PRO B 113 4.03 -6.18 22.47
N ASN B 114 3.30 -7.17 23.01
CA ASN B 114 3.90 -8.47 23.18
C ASN B 114 3.97 -9.15 21.82
N ARG B 115 4.60 -10.32 21.78
CA ARG B 115 4.87 -11.01 20.53
C ARG B 115 3.62 -11.39 19.73
N VAL B 116 2.58 -11.82 20.44
CA VAL B 116 1.33 -12.20 19.78
C VAL B 116 0.68 -10.96 19.20
N ASN B 117 0.71 -9.87 19.96
CA ASN B 117 0.15 -8.61 19.49
C ASN B 117 0.90 -8.16 18.24
N VAL B 118 2.23 -8.24 18.24
CA VAL B 118 2.97 -7.80 17.04
C VAL B 118 2.55 -8.66 15.87
N SER B 119 2.50 -9.96 16.12
CA SER B 119 2.21 -10.91 15.05
C SER B 119 0.79 -10.73 14.53
N TYR B 120 -0.17 -10.57 15.44
CA TYR B 120 -1.56 -10.43 15.05
C TYR B 120 -1.76 -9.12 14.32
N MET B 121 -1.26 -8.00 14.86
CA MET B 121 -1.37 -6.73 14.14
C MET B 121 -0.73 -6.84 12.76
N ALA B 122 0.42 -7.50 12.68
CA ALA B 122 1.10 -7.68 11.41
C ALA B 122 0.24 -8.50 10.45
N TYR B 123 -0.38 -9.55 10.98
CA TYR B 123 -1.16 -10.42 10.12
C TYR B 123 -2.28 -9.64 9.48
N LEU B 124 -3.01 -8.87 10.27
CA LEU B 124 -4.17 -8.15 9.79
C LEU B 124 -3.74 -7.08 8.80
N LYS B 125 -2.70 -6.32 9.13
CA LYS B 125 -2.27 -5.26 8.23
C LYS B 125 -1.67 -5.82 6.94
N SER B 126 -0.93 -6.92 7.06
CA SER B 126 -0.37 -7.60 5.89
C SER B 126 -1.51 -8.04 4.97
N THR B 127 -2.48 -8.73 5.53
CA THR B 127 -3.60 -9.24 4.78
C THR B 127 -4.37 -8.10 4.15
N CYS B 128 -4.76 -7.15 4.97
CA CYS B 128 -5.55 -6.05 4.45
C CYS B 128 -4.83 -5.19 3.43
N ALA B 129 -3.50 -5.22 3.40
CA ALA B 129 -2.79 -4.44 2.39
C ALA B 129 -2.57 -5.23 1.11
N LEU B 130 -2.66 -6.56 1.16
CA LEU B 130 -2.29 -7.37 0.00
C LEU B 130 -3.32 -8.34 -0.54
N GLU B 131 -4.25 -8.83 0.29
CA GLU B 131 -5.19 -9.83 -0.17
C GLU B 131 -6.49 -9.24 -0.69
N GLY B 132 -7.31 -10.12 -1.25
CA GLY B 132 -8.60 -9.71 -1.79
C GLY B 132 -9.42 -9.12 -0.66
N PHE B 133 -10.31 -8.22 -1.02
CA PHE B 133 -11.13 -7.56 -0.03
C PHE B 133 -11.89 -8.55 0.85
N TYR B 134 -12.51 -9.58 0.27
CA TYR B 134 -13.32 -10.48 1.08
C TYR B 134 -12.42 -11.35 1.95
N GLN B 135 -11.24 -11.69 1.46
CA GLN B 135 -10.28 -12.41 2.30
C GLN B 135 -9.93 -11.56 3.52
N CYS B 136 -9.81 -10.25 3.31
CA CYS B 136 -9.53 -9.35 4.43
C CYS B 136 -10.63 -9.41 5.45
N MET B 137 -11.85 -9.28 4.95
CA MET B 137 -13.02 -9.30 5.81
C MET B 137 -13.06 -10.61 6.61
N ALA B 138 -12.68 -11.71 5.97
CA ALA B 138 -12.67 -13.01 6.64
C ALA B 138 -11.65 -13.02 7.77
N ALA B 139 -10.55 -12.31 7.56
CA ALA B 139 -9.52 -12.19 8.57
C ALA B 139 -10.00 -11.29 9.70
N LEU B 140 -10.86 -10.34 9.38
CA LEU B 140 -11.27 -9.36 10.39
C LEU B 140 -12.48 -9.83 11.17
N LEU B 141 -13.23 -10.75 10.60
CA LEU B 141 -14.49 -11.17 11.21
C LEU B 141 -14.36 -11.81 12.59
N PRO B 142 -13.40 -12.74 12.76
CA PRO B 142 -13.26 -13.41 14.05
C PRO B 142 -13.00 -12.44 15.18
N CYS B 143 -12.22 -11.41 14.88
CA CYS B 143 -11.90 -10.36 15.86
C CYS B 143 -13.20 -9.77 16.36
N PHE B 144 -14.05 -9.33 15.44
CA PHE B 144 -15.32 -8.73 15.81
C PHE B 144 -16.26 -9.72 16.46
N TRP B 145 -16.43 -10.85 15.79
CA TRP B 145 -17.45 -11.82 16.15
C TRP B 145 -17.15 -12.57 17.45
N SER B 146 -15.92 -13.02 17.63
CA SER B 146 -15.57 -13.70 18.87
C SER B 146 -15.92 -12.86 20.10
N TYR B 147 -15.57 -11.58 20.07
CA TYR B 147 -15.89 -10.70 21.19
C TYR B 147 -17.40 -10.62 21.42
N ALA B 148 -18.21 -10.64 20.36
CA ALA B 148 -19.66 -10.61 20.56
C ALA B 148 -20.09 -11.92 21.19
N GLU B 149 -19.59 -13.02 20.65
CA GLU B 149 -20.00 -14.31 21.18
C GLU B 149 -19.51 -14.52 22.61
N ILE B 150 -18.31 -14.06 22.91
CA ILE B 150 -17.84 -14.15 24.28
C ILE B 150 -18.85 -13.47 25.21
N ALA B 151 -19.30 -12.29 24.78
CA ALA B 151 -20.25 -11.50 25.56
C ALA B 151 -21.57 -12.24 25.68
N GLU B 152 -21.95 -12.89 24.59
CA GLU B 152 -23.20 -13.64 24.54
C GLU B 152 -23.16 -14.83 25.50
N ARG B 153 -21.96 -15.29 25.81
CA ARG B 153 -21.77 -16.49 26.63
C ARG B 153 -21.56 -16.17 28.11
N HIS B 154 -20.83 -15.10 28.38
CA HIS B 154 -20.50 -14.74 29.76
C HIS B 154 -21.27 -13.54 30.28
N GLY B 155 -22.17 -13.01 29.46
CA GLY B 155 -22.97 -11.85 29.84
C GLY B 155 -23.66 -11.98 31.18
N GLY B 156 -24.21 -13.15 31.48
CA GLY B 156 -24.93 -13.38 32.72
C GLY B 156 -24.15 -13.10 33.99
N LYS B 157 -22.84 -13.36 33.97
CA LYS B 157 -21.99 -13.15 35.15
C LYS B 157 -21.79 -11.67 35.49
N LEU B 158 -22.16 -10.80 34.57
CA LEU B 158 -21.94 -9.36 34.74
C LEU B 158 -22.78 -8.72 35.84
N ARG B 159 -24.04 -9.14 35.94
CA ARG B 159 -24.92 -8.54 36.92
C ARG B 159 -24.25 -8.53 38.28
N GLU B 160 -23.53 -9.61 38.60
CA GLU B 160 -22.91 -9.75 39.90
C GLU B 160 -21.40 -9.46 39.88
N ASN B 161 -20.89 -9.07 38.73
CA ASN B 161 -19.49 -8.66 38.58
C ASN B 161 -19.31 -7.39 39.39
N PRO B 162 -18.50 -7.45 40.45
CA PRO B 162 -18.33 -6.27 41.33
C PRO B 162 -17.46 -5.17 40.74
N VAL B 163 -16.79 -5.44 39.62
CA VAL B 163 -15.84 -4.46 39.09
C VAL B 163 -16.45 -3.62 37.98
N HIS B 164 -16.51 -2.31 38.20
CA HIS B 164 -17.19 -1.44 37.26
C HIS B 164 -16.53 -1.38 35.90
N VAL B 165 -15.20 -1.25 35.88
CA VAL B 165 -14.49 -1.13 34.63
C VAL B 165 -14.63 -2.37 33.74
N TYR B 166 -14.62 -3.54 34.37
CA TYR B 166 -14.84 -4.75 33.59
C TYR B 166 -16.22 -4.69 32.96
N LYS B 167 -17.21 -4.23 33.72
CA LYS B 167 -18.58 -4.17 33.19
C LYS B 167 -18.67 -3.15 32.06
N LYS B 168 -18.00 -2.02 32.22
CA LYS B 168 -18.04 -0.99 31.20
C LYS B 168 -17.37 -1.49 29.94
N TRP B 169 -16.27 -2.22 30.11
CA TRP B 169 -15.55 -2.81 28.99
C TRP B 169 -16.47 -3.75 28.20
N ALA B 170 -17.21 -4.58 28.92
CA ALA B 170 -18.07 -5.58 28.35
C ALA B 170 -19.30 -4.97 27.66
N SER B 171 -19.74 -3.82 28.16
CA SER B 171 -20.95 -3.20 27.64
C SER B 171 -20.93 -3.01 26.13
N VAL B 172 -19.77 -2.68 25.57
CA VAL B 172 -19.70 -2.48 24.12
C VAL B 172 -20.07 -3.74 23.35
N TYR B 173 -19.56 -4.88 23.78
CA TYR B 173 -19.76 -6.13 23.05
C TYR B 173 -21.17 -6.73 23.19
N LEU B 174 -21.94 -6.26 24.18
CA LEU B 174 -23.34 -6.65 24.32
C LEU B 174 -24.25 -5.69 23.56
N SER B 175 -23.69 -4.55 23.16
CA SER B 175 -24.52 -3.48 22.61
C SER B 175 -25.04 -3.82 21.22
N PRO B 176 -26.28 -3.40 20.93
CA PRO B 176 -26.82 -3.71 19.61
C PRO B 176 -25.94 -3.10 18.52
N GLU B 177 -25.33 -1.95 18.79
CA GLU B 177 -24.52 -1.30 17.77
C GLU B 177 -23.30 -2.14 17.38
N TYR B 178 -22.71 -2.81 18.36
CA TYR B 178 -21.55 -3.65 18.09
C TYR B 178 -22.00 -4.93 17.40
N ARG B 179 -23.14 -5.44 17.83
CA ARG B 179 -23.62 -6.65 17.20
C ARG B 179 -23.94 -6.36 15.73
N GLY B 180 -24.35 -5.13 15.44
CA GLY B 180 -24.69 -4.72 14.08
C GLY B 180 -23.48 -4.68 13.17
N LEU B 181 -22.35 -4.15 13.68
CA LEU B 181 -21.09 -4.23 12.96
C LEU B 181 -20.82 -5.68 12.61
N VAL B 182 -21.03 -6.56 13.59
CA VAL B 182 -20.81 -7.97 13.36
C VAL B 182 -21.73 -8.48 12.26
N GLU B 183 -23.04 -8.27 12.41
CA GLU B 183 -24.02 -8.79 11.43
C GLU B 183 -23.73 -8.26 10.04
N ARG B 184 -23.44 -6.97 9.94
CA ARG B 184 -23.11 -6.35 8.67
C ARG B 184 -21.84 -6.94 8.05
N LEU B 185 -20.87 -7.32 8.87
CA LEU B 185 -19.65 -7.89 8.32
C LEU B 185 -19.93 -9.30 7.80
N ARG B 186 -20.73 -10.07 8.54
CA ARG B 186 -21.08 -11.42 8.07
C ARG B 186 -21.83 -11.42 6.75
N ALA B 187 -22.74 -10.46 6.61
CA ALA B 187 -23.58 -10.36 5.42
C ALA B 187 -22.71 -10.03 4.22
N VAL B 188 -21.71 -9.19 4.43
CA VAL B 188 -20.76 -8.88 3.37
C VAL B 188 -20.11 -10.17 2.88
N LEU B 189 -19.72 -11.02 3.82
CA LEU B 189 -19.00 -12.26 3.49
C LEU B 189 -19.93 -13.34 2.96
N ASP B 190 -21.11 -13.46 3.57
CA ASP B 190 -22.12 -14.40 3.11
C ASP B 190 -22.55 -14.16 1.66
N SER B 191 -22.35 -12.97 1.11
CA SER B 191 -22.80 -12.67 -0.24
C SER B 191 -21.62 -12.30 -1.14
N SER B 192 -20.44 -12.67 -0.68
CA SER B 192 -19.21 -12.27 -1.34
C SER B 192 -19.08 -12.92 -2.70
N GLY B 193 -19.62 -14.12 -2.81
CA GLY B 193 -19.48 -14.88 -4.04
C GLY B 193 -18.39 -15.91 -3.88
N LEU B 194 -17.83 -16.00 -2.69
CA LEU B 194 -16.71 -16.89 -2.41
C LEU B 194 -17.13 -17.96 -1.42
N SER B 195 -16.47 -19.10 -1.49
CA SER B 195 -16.75 -20.22 -0.61
C SER B 195 -16.15 -20.11 0.79
N ALA B 196 -16.77 -20.76 1.75
CA ALA B 196 -16.17 -20.94 3.07
C ALA B 196 -14.72 -21.39 2.92
N GLU B 197 -14.48 -22.40 2.09
CA GLU B 197 -13.15 -22.96 1.89
C GLU B 197 -12.11 -21.94 1.44
N GLU B 198 -12.50 -21.02 0.57
CA GLU B 198 -11.57 -19.98 0.12
C GLU B 198 -11.23 -19.02 1.27
N LEU B 199 -12.23 -18.75 2.10
CA LEU B 199 -12.12 -17.81 3.22
C LEU B 199 -11.53 -18.43 4.50
N TRP B 200 -11.58 -19.75 4.61
CA TRP B 200 -11.15 -20.47 5.80
C TRP B 200 -9.78 -20.08 6.33
N PRO B 201 -8.73 -20.11 5.49
CA PRO B 201 -7.39 -19.86 6.02
C PRO B 201 -7.28 -18.52 6.73
N TYR B 202 -8.05 -17.53 6.28
CA TYR B 202 -7.99 -16.20 6.86
C TYR B 202 -8.73 -16.16 8.17
N PHE B 203 -9.89 -16.80 8.19
CA PHE B 203 -10.73 -16.82 9.37
C PHE B 203 -9.98 -17.59 10.46
N LYS B 204 -9.38 -18.71 10.06
CA LYS B 204 -8.63 -19.58 10.97
C LYS B 204 -7.43 -18.89 11.67
N GLU B 205 -6.55 -18.30 10.89
CA GLU B 205 -5.38 -17.61 11.42
C GLU B 205 -5.79 -16.56 12.44
N ALA B 206 -6.72 -15.70 12.04
CA ALA B 206 -7.22 -14.69 12.98
C ALA B 206 -7.75 -15.34 14.26
N SER B 207 -8.50 -16.43 14.12
CA SER B 207 -9.08 -17.09 15.28
C SER B 207 -7.98 -17.62 16.20
N LEU B 208 -6.95 -18.19 15.58
CA LEU B 208 -5.82 -18.71 16.37
C LEU B 208 -5.10 -17.58 17.09
N TYR B 209 -4.97 -16.42 16.46
CA TYR B 209 -4.37 -15.28 17.13
C TYR B 209 -5.25 -14.80 18.27
N GLU B 210 -6.57 -14.79 18.11
CA GLU B 210 -7.44 -14.36 19.19
C GLU B 210 -7.17 -15.20 20.42
N LEU B 211 -7.06 -16.52 20.24
CA LEU B 211 -6.76 -17.40 21.37
C LEU B 211 -5.38 -17.07 21.97
N GLU B 212 -4.35 -16.92 21.15
CA GLU B 212 -3.03 -16.58 21.70
C GLU B 212 -3.03 -15.20 22.38
N PHE B 213 -3.86 -14.29 21.89
CA PHE B 213 -3.88 -12.95 22.45
C PHE B 213 -4.38 -13.00 23.89
N TRP B 214 -5.51 -13.69 24.14
CA TRP B 214 -6.03 -13.88 25.48
C TRP B 214 -5.01 -14.58 26.36
N GLN B 215 -4.35 -15.60 25.83
CA GLN B 215 -3.35 -16.30 26.64
C GLN B 215 -2.21 -15.36 27.00
N ALA B 216 -1.73 -14.59 26.03
CA ALA B 216 -0.67 -13.63 26.31
C ALA B 216 -1.09 -12.60 27.36
N ALA B 217 -2.36 -12.21 27.35
CA ALA B 217 -2.81 -11.18 28.27
C ALA B 217 -2.96 -11.79 29.66
N TYR B 218 -3.20 -13.10 29.69
CA TYR B 218 -3.37 -13.81 30.95
C TYR B 218 -2.03 -14.06 31.64
N GLU B 219 -0.99 -14.37 30.88
CA GLU B 219 0.33 -14.62 31.45
C GLU B 219 1.20 -13.39 31.60
N GLY B 220 0.66 -12.21 31.30
CA GLY B 220 1.45 -10.98 31.36
C GLY B 220 2.67 -11.13 30.48
N HIS B 221 2.52 -11.95 29.44
CA HIS B 221 3.59 -12.33 28.53
C HIS B 221 5.07 -12.38 28.86
N HIS C 7 -0.72 -11.06 -33.80
CA HIS C 7 -0.83 -9.84 -32.94
C HIS C 7 -2.25 -9.29 -32.93
N HIS C 8 -3.19 -10.23 -32.87
CA HIS C 8 -4.62 -9.97 -32.79
C HIS C 8 -5.34 -11.27 -32.46
N HIS C 9 -4.61 -12.18 -31.80
CA HIS C 9 -5.07 -13.56 -31.62
C HIS C 9 -5.67 -13.88 -30.25
N GLY C 10 -5.55 -12.98 -29.27
CA GLY C 10 -6.08 -13.21 -27.94
C GLY C 10 -6.57 -11.96 -27.23
N VAL C 11 -6.57 -11.99 -25.90
CA VAL C 11 -7.06 -10.85 -25.13
C VAL C 11 -6.29 -9.55 -25.36
N THR C 12 -4.97 -9.63 -25.48
CA THR C 12 -4.17 -8.44 -25.71
C THR C 12 -4.34 -7.92 -27.13
N GLY C 13 -4.54 -8.85 -28.07
CA GLY C 13 -4.80 -8.46 -29.45
C GLY C 13 -6.10 -7.69 -29.49
N GLU C 14 -7.07 -8.16 -28.71
CA GLU C 14 -8.38 -7.55 -28.63
C GLU C 14 -8.21 -6.14 -28.07
N LEU C 15 -7.39 -6.01 -27.05
CA LEU C 15 -7.17 -4.70 -26.44
C LEU C 15 -6.52 -3.75 -27.43
N ARG C 16 -5.50 -4.24 -28.11
CA ARG C 16 -4.78 -3.41 -29.06
C ARG C 16 -5.71 -2.91 -30.17
N ARG C 17 -6.57 -3.79 -30.64
CA ARG C 17 -7.45 -3.41 -31.74
C ARG C 17 -8.53 -2.43 -31.29
N ARG C 18 -8.96 -2.54 -30.04
CA ARG C 18 -9.93 -1.60 -29.49
C ARG C 18 -9.32 -0.21 -29.27
N ALA C 19 -8.00 -0.18 -29.07
CA ALA C 19 -7.27 1.06 -28.86
C ALA C 19 -6.67 1.59 -30.15
N ASP C 20 -7.07 0.98 -31.26
CA ASP C 20 -6.48 1.34 -32.56
C ASP C 20 -6.57 2.84 -32.81
N GLY C 21 -7.72 3.43 -32.54
CA GLY C 21 -7.88 4.87 -32.70
C GLY C 21 -6.75 5.62 -32.00
N ILE C 22 -6.52 5.27 -30.74
CA ILE C 22 -5.49 5.94 -29.94
C ILE C 22 -4.08 5.59 -30.45
N TRP C 23 -3.82 4.32 -30.65
CA TRP C 23 -2.50 3.91 -31.06
C TRP C 23 -2.08 4.50 -32.41
N GLN C 24 -3.01 4.63 -33.35
CA GLN C 24 -2.66 5.18 -34.66
C GLN C 24 -2.23 6.63 -34.49
N ARG C 25 -2.87 7.35 -33.57
CA ARG C 25 -2.47 8.72 -33.30
C ARG C 25 -1.08 8.78 -32.70
N ILE C 26 -0.76 7.80 -31.84
CA ILE C 26 0.57 7.69 -31.25
C ILE C 26 1.58 7.39 -32.33
N LEU C 27 1.27 6.37 -33.12
CA LEU C 27 2.16 5.93 -34.17
C LEU C 27 2.43 7.03 -35.20
N ALA C 28 1.46 7.92 -35.40
CA ALA C 28 1.64 9.00 -36.37
C ALA C 28 1.99 10.32 -35.68
N HIS C 29 2.35 10.27 -34.40
CA HIS C 29 2.66 11.51 -33.73
C HIS C 29 3.95 12.15 -34.26
N PRO C 30 3.92 13.46 -34.49
CA PRO C 30 5.09 14.16 -35.03
C PRO C 30 6.35 14.00 -34.19
N PHE C 31 6.25 13.91 -32.87
CA PHE C 31 7.44 13.74 -32.06
C PHE C 31 8.15 12.46 -32.49
N VAL C 32 7.37 11.39 -32.57
CA VAL C 32 7.86 10.07 -32.92
C VAL C 32 8.45 10.07 -34.33
N ALA C 33 7.68 10.56 -35.30
CA ALA C 33 8.14 10.58 -36.69
C ALA C 33 9.43 11.39 -36.87
N GLU C 34 9.52 12.51 -36.18
CA GLU C 34 10.70 13.37 -36.26
C GLU C 34 11.89 12.71 -35.57
N LEU C 35 11.60 12.09 -34.43
CA LEU C 35 12.62 11.40 -33.65
C LEU C 35 13.28 10.32 -34.50
N TYR C 36 12.47 9.49 -35.15
CA TYR C 36 13.03 8.40 -35.96
C TYR C 36 13.62 8.93 -37.27
N ALA C 37 13.04 9.99 -37.81
CA ALA C 37 13.51 10.57 -39.06
C ALA C 37 14.85 11.25 -38.86
N GLY C 38 15.07 11.80 -37.67
CA GLY C 38 16.30 12.52 -37.35
C GLY C 38 16.11 14.02 -37.41
N THR C 39 14.87 14.45 -37.60
CA THR C 39 14.53 15.86 -37.72
C THR C 39 14.10 16.55 -36.41
N LEU C 40 13.90 15.77 -35.35
CA LEU C 40 13.49 16.33 -34.07
C LEU C 40 14.56 17.26 -33.50
N PRO C 41 14.19 18.52 -33.19
CA PRO C 41 15.09 19.44 -32.51
C PRO C 41 15.66 18.87 -31.21
N MET C 42 16.98 18.96 -31.06
CA MET C 42 17.66 18.41 -29.89
C MET C 42 17.06 18.87 -28.56
N GLU C 43 16.58 20.12 -28.50
CA GLU C 43 16.02 20.62 -27.24
C GLU C 43 14.78 19.80 -26.84
N LYS C 44 13.95 19.44 -27.81
CA LYS C 44 12.79 18.61 -27.53
C LYS C 44 13.19 17.22 -27.03
N PHE C 45 14.26 16.66 -27.59
CA PHE C 45 14.77 15.37 -27.14
C PHE C 45 15.27 15.51 -25.70
N LYS C 46 16.05 16.56 -25.44
CA LYS C 46 16.56 16.80 -24.09
C LYS C 46 15.39 16.86 -23.11
N TYR C 47 14.42 17.70 -23.44
CA TYR C 47 13.24 17.87 -22.61
C TYR C 47 12.58 16.50 -22.37
N TYR C 48 12.43 15.73 -23.45
CA TYR C 48 11.85 14.40 -23.36
C TYR C 48 12.65 13.46 -22.47
N LEU C 49 13.98 13.52 -22.59
CA LEU C 49 14.80 12.65 -21.77
C LEU C 49 14.64 12.95 -20.29
N LEU C 50 14.60 14.24 -19.94
CA LEU C 50 14.41 14.63 -18.56
C LEU C 50 13.09 14.06 -18.03
N GLN C 51 12.02 14.30 -18.77
CA GLN C 51 10.73 13.82 -18.34
C GLN C 51 10.71 12.30 -18.22
N ASP C 52 11.21 11.61 -19.25
CA ASP C 52 11.05 10.15 -19.33
C ASP C 52 11.84 9.41 -18.26
N TYR C 53 12.89 10.04 -17.74
CA TYR C 53 13.67 9.36 -16.72
C TYR C 53 12.81 9.25 -15.47
N ASN C 54 12.27 10.39 -15.04
CA ASN C 54 11.35 10.44 -13.91
C ASN C 54 10.27 9.40 -14.15
N TYR C 55 9.85 9.28 -15.39
CA TYR C 55 8.86 8.28 -15.71
C TYR C 55 9.41 6.91 -15.34
N LEU C 56 10.55 6.55 -15.93
CA LEU C 56 11.06 5.19 -15.78
C LEU C 56 11.29 4.83 -14.32
N VAL C 57 11.81 5.78 -13.55
CA VAL C 57 12.01 5.55 -12.14
C VAL C 57 10.69 5.12 -11.51
N ASN C 58 9.65 5.90 -11.80
CA ASN C 58 8.34 5.64 -11.22
C ASN C 58 7.69 4.42 -11.82
N PHE C 59 8.07 4.11 -13.04
CA PHE C 59 7.60 2.92 -13.72
C PHE C 59 8.16 1.72 -12.96
N ALA C 60 9.42 1.81 -12.58
CA ALA C 60 10.06 0.72 -11.86
C ALA C 60 9.34 0.50 -10.54
N LYS C 61 8.98 1.60 -9.89
CA LYS C 61 8.26 1.49 -8.62
C LYS C 61 6.91 0.80 -8.84
N ALA C 62 6.23 1.15 -9.93
CA ALA C 62 4.94 0.55 -10.24
C ALA C 62 5.04 -0.96 -10.41
N LEU C 63 6.08 -1.43 -11.10
CA LEU C 63 6.29 -2.85 -11.31
C LEU C 63 6.56 -3.52 -9.97
N SER C 64 7.30 -2.81 -9.14
CA SER C 64 7.62 -3.31 -7.82
C SER C 64 6.33 -3.55 -7.03
N LEU C 65 5.45 -2.56 -7.06
CA LEU C 65 4.17 -2.68 -6.37
C LEU C 65 3.38 -3.88 -6.91
N ALA C 66 3.29 -3.99 -8.23
CA ALA C 66 2.56 -5.09 -8.85
C ALA C 66 3.19 -6.40 -8.37
N ALA C 67 4.52 -6.43 -8.35
CA ALA C 67 5.23 -7.63 -7.93
C ALA C 67 4.83 -8.00 -6.52
N SER C 68 4.70 -6.98 -5.69
CA SER C 68 4.40 -7.18 -4.27
C SER C 68 3.17 -8.05 -4.08
N ARG C 69 2.24 -8.09 -5.04
CA ARG C 69 1.16 -9.04 -4.84
C ARG C 69 0.76 -9.81 -6.08
N ALA C 70 1.79 -10.28 -6.77
CA ALA C 70 1.60 -11.27 -7.81
C ALA C 70 0.87 -12.43 -7.16
N PRO C 71 -0.15 -12.98 -7.83
CA PRO C 71 -0.87 -14.14 -7.31
C PRO C 71 -0.14 -15.48 -7.51
N SER C 72 1.08 -15.45 -8.05
CA SER C 72 1.87 -16.68 -8.12
C SER C 72 3.34 -16.28 -8.08
N VAL C 73 4.17 -17.25 -7.73
CA VAL C 73 5.61 -17.03 -7.71
C VAL C 73 6.09 -16.62 -9.08
N ASP C 74 5.65 -17.34 -10.11
CA ASP C 74 6.04 -17.06 -11.50
C ASP C 74 5.70 -15.61 -11.86
N LEU C 75 4.44 -15.25 -11.68
CA LEU C 75 4.01 -13.88 -11.94
C LEU C 75 4.86 -12.84 -11.17
N MET C 76 5.18 -13.15 -9.92
CA MET C 76 6.02 -12.24 -9.15
C MET C 76 7.41 -12.16 -9.74
N LYS C 77 8.04 -13.31 -9.94
CA LYS C 77 9.34 -13.38 -10.59
C LYS C 77 9.36 -12.52 -11.85
N THR C 78 8.28 -12.64 -12.63
CA THR C 78 8.11 -11.87 -13.86
C THR C 78 8.09 -10.37 -13.57
N ALA C 79 7.07 -9.93 -12.83
CA ALA C 79 6.95 -8.52 -12.43
C ALA C 79 8.29 -8.01 -11.93
N LEU C 80 8.96 -8.82 -11.12
CA LEU C 80 10.18 -8.40 -10.47
C LEU C 80 11.32 -8.26 -11.48
N GLU C 81 11.31 -9.08 -12.52
CA GLU C 81 12.37 -8.98 -13.51
C GLU C 81 12.17 -7.69 -14.29
N LEU C 82 11.00 -7.57 -14.92
CA LEU C 82 10.63 -6.35 -15.62
C LEU C 82 11.06 -5.13 -14.80
N ALA C 83 10.95 -5.23 -13.48
CA ALA C 83 11.32 -4.13 -12.60
C ALA C 83 12.83 -3.92 -12.57
N TYR C 84 13.59 -4.90 -12.10
CA TYR C 84 15.04 -4.76 -12.05
C TYR C 84 15.57 -4.52 -13.44
N GLY C 85 15.00 -5.23 -14.42
CA GLY C 85 15.34 -5.03 -15.82
C GLY C 85 14.95 -3.66 -16.34
N THR C 86 14.30 -2.86 -15.48
CA THR C 86 13.98 -1.47 -15.82
C THR C 86 15.03 -0.55 -15.19
N VAL C 87 15.83 -1.09 -14.28
CA VAL C 87 16.90 -0.31 -13.66
C VAL C 87 18.18 -0.48 -14.47
N THR C 88 18.34 -1.66 -15.05
CA THR C 88 19.56 -2.01 -15.76
C THR C 88 19.33 -2.15 -17.26
N GLY C 89 18.08 -1.99 -17.70
CA GLY C 89 17.74 -2.12 -19.11
C GLY C 89 17.48 -0.79 -19.77
N GLU C 90 16.28 -0.26 -19.55
CA GLU C 90 15.92 1.05 -20.09
C GLU C 90 16.62 2.16 -19.32
N MET C 91 16.62 2.06 -17.99
CA MET C 91 17.18 3.13 -17.17
C MET C 91 18.67 3.31 -17.38
N ALA C 92 19.40 2.22 -17.55
CA ALA C 92 20.84 2.32 -17.78
C ALA C 92 21.05 3.12 -19.06
N ASN C 93 20.45 2.64 -20.14
CA ASN C 93 20.53 3.32 -21.43
C ASN C 93 20.30 4.83 -21.27
N TYR C 94 19.15 5.19 -20.72
CA TYR C 94 18.78 6.59 -20.53
C TYR C 94 19.84 7.34 -19.74
N GLU C 95 20.52 6.63 -18.85
CA GLU C 95 21.55 7.27 -18.04
C GLU C 95 22.67 7.70 -18.98
N ALA C 96 23.03 6.84 -19.92
CA ALA C 96 24.07 7.16 -20.90
C ALA C 96 23.58 8.27 -21.84
N LEU C 97 22.46 8.03 -22.52
CA LEU C 97 21.90 9.00 -23.46
C LEU C 97 21.91 10.44 -22.93
N LEU C 98 21.54 10.60 -21.66
CA LEU C 98 21.62 11.92 -21.03
C LEU C 98 23.08 12.40 -20.97
N LYS C 99 23.96 11.62 -20.35
CA LYS C 99 25.36 11.99 -20.22
C LYS C 99 25.96 12.44 -21.55
N GLU C 100 25.62 11.74 -22.63
CA GLU C 100 26.13 12.09 -23.96
C GLU C 100 25.61 13.46 -24.40
N VAL C 101 24.42 13.81 -23.93
CA VAL C 101 23.78 15.07 -24.30
C VAL C 101 24.13 16.20 -23.33
N GLY C 102 24.97 15.91 -22.34
CA GLY C 102 25.43 16.95 -21.43
C GLY C 102 24.51 17.21 -20.25
N LEU C 103 23.69 16.22 -19.91
CA LEU C 103 22.78 16.31 -18.77
C LEU C 103 23.19 15.31 -17.71
N SER C 104 23.19 15.73 -16.45
CA SER C 104 23.57 14.85 -15.35
C SER C 104 22.34 14.22 -14.69
N LEU C 105 22.57 13.17 -13.91
CA LEU C 105 21.50 12.53 -13.13
C LEU C 105 20.88 13.56 -12.19
N ARG C 106 21.72 14.49 -11.74
CA ARG C 106 21.29 15.60 -10.90
C ARG C 106 20.29 16.45 -11.68
N ASP C 107 20.62 16.78 -12.92
CA ASP C 107 19.69 17.53 -13.76
C ASP C 107 18.36 16.79 -13.85
N ALA C 108 18.44 15.47 -13.97
CA ALA C 108 17.26 14.61 -14.04
C ALA C 108 16.43 14.72 -12.77
N ALA C 109 17.10 14.61 -11.63
CA ALA C 109 16.42 14.72 -10.35
C ALA C 109 15.76 16.10 -10.19
N GLU C 110 16.34 17.11 -10.85
CA GLU C 110 15.88 18.49 -10.71
C GLU C 110 14.83 18.90 -11.75
N ALA C 111 14.75 18.13 -12.83
CA ALA C 111 13.73 18.40 -13.83
C ALA C 111 12.33 18.17 -13.25
N GLU C 112 11.50 19.19 -13.33
CA GLU C 112 10.12 19.10 -12.88
C GLU C 112 9.30 18.33 -13.91
N PRO C 113 8.62 17.26 -13.45
CA PRO C 113 7.75 16.57 -14.38
C PRO C 113 6.61 17.47 -14.86
N ASN C 114 6.22 17.34 -16.12
CA ASN C 114 5.09 18.11 -16.60
C ASN C 114 3.83 17.42 -16.10
N ARG C 115 2.69 18.05 -16.33
CA ARG C 115 1.42 17.61 -15.78
C ARG C 115 1.02 16.21 -16.25
N VAL C 116 1.30 15.89 -17.50
CA VAL C 116 0.97 14.58 -18.03
C VAL C 116 1.83 13.53 -17.34
N ASN C 117 3.11 13.85 -17.19
CA ASN C 117 4.03 12.95 -16.55
C ASN C 117 3.54 12.69 -15.14
N VAL C 118 3.15 13.73 -14.41
CA VAL C 118 2.70 13.54 -13.04
C VAL C 118 1.50 12.61 -13.05
N SER C 119 0.56 12.94 -13.93
CA SER C 119 -0.68 12.21 -14.01
C SER C 119 -0.46 10.75 -14.35
N TYR C 120 0.35 10.51 -15.37
CA TYR C 120 0.60 9.17 -15.86
C TYR C 120 1.30 8.37 -14.78
N MET C 121 2.38 8.90 -14.22
CA MET C 121 3.06 8.21 -13.12
C MET C 121 2.07 7.95 -12.00
N ALA C 122 1.25 8.93 -11.67
CA ALA C 122 0.30 8.68 -10.61
C ALA C 122 -0.64 7.55 -10.99
N TYR C 123 -1.04 7.51 -12.26
CA TYR C 123 -1.98 6.48 -12.70
C TYR C 123 -1.41 5.07 -12.57
N LEU C 124 -0.15 4.91 -12.96
CA LEU C 124 0.48 3.61 -12.89
C LEU C 124 0.74 3.17 -11.46
N LYS C 125 1.21 4.10 -10.63
CA LYS C 125 1.49 3.73 -9.25
C LYS C 125 0.19 3.45 -8.50
N SER C 126 -0.79 4.32 -8.72
CA SER C 126 -2.10 4.18 -8.11
C SER C 126 -2.69 2.82 -8.44
N THR C 127 -2.65 2.48 -9.72
CA THR C 127 -3.14 1.21 -10.22
C THR C 127 -2.39 0.04 -9.62
N CYS C 128 -1.07 0.08 -9.76
CA CYS C 128 -0.24 -1.01 -9.24
C CYS C 128 -0.31 -1.17 -7.73
N ALA C 129 -0.67 -0.13 -7.01
CA ALA C 129 -0.76 -0.27 -5.55
C ALA C 129 -2.10 -0.85 -5.12
N LEU C 130 -3.11 -0.67 -5.95
CA LEU C 130 -4.48 -0.96 -5.54
C LEU C 130 -5.25 -2.03 -6.29
N GLU C 131 -4.96 -2.17 -7.59
CA GLU C 131 -5.77 -3.01 -8.45
C GLU C 131 -5.25 -4.43 -8.56
N GLY C 132 -6.08 -5.30 -9.13
CA GLY C 132 -5.70 -6.70 -9.32
C GLY C 132 -4.43 -6.77 -10.15
N PHE C 133 -3.63 -7.81 -9.94
CA PHE C 133 -2.35 -7.95 -10.65
C PHE C 133 -2.49 -7.86 -12.16
N TYR C 134 -3.50 -8.52 -12.72
CA TYR C 134 -3.65 -8.53 -14.16
C TYR C 134 -4.07 -7.16 -14.66
N GLN C 135 -4.95 -6.51 -13.90
CA GLN C 135 -5.36 -5.16 -14.24
C GLN C 135 -4.15 -4.24 -14.30
N CYS C 136 -3.19 -4.46 -13.41
CA CYS C 136 -1.99 -3.65 -13.37
C CYS C 136 -1.21 -3.91 -14.64
N MET C 137 -1.03 -5.18 -14.97
CA MET C 137 -0.30 -5.56 -16.17
C MET C 137 -0.93 -4.90 -17.40
N ALA C 138 -2.26 -4.85 -17.43
CA ALA C 138 -2.96 -4.26 -18.56
C ALA C 138 -2.66 -2.77 -18.64
N ALA C 139 -2.47 -2.13 -17.49
CA ALA C 139 -2.11 -0.72 -17.47
C ALA C 139 -0.65 -0.54 -17.91
N LEU C 140 0.18 -1.53 -17.70
CA LEU C 140 1.60 -1.38 -17.96
C LEU C 140 1.95 -1.80 -19.38
N LEU C 141 1.10 -2.62 -19.97
CA LEU C 141 1.41 -3.16 -21.29
C LEU C 141 1.53 -2.11 -22.39
N PRO C 142 0.60 -1.14 -22.45
CA PRO C 142 0.69 -0.16 -23.54
C PRO C 142 2.01 0.57 -23.55
N CYS C 143 2.49 0.87 -22.35
CA CYS C 143 3.73 1.59 -22.18
C CYS C 143 4.82 0.80 -22.90
N PHE C 144 4.91 -0.51 -22.62
CA PHE C 144 5.93 -1.36 -23.23
C PHE C 144 5.72 -1.61 -24.72
N TRP C 145 4.49 -1.96 -25.06
CA TRP C 145 4.14 -2.40 -26.40
C TRP C 145 4.14 -1.26 -27.42
N SER C 146 3.52 -0.14 -27.08
CA SER C 146 3.50 1.02 -27.99
C SER C 146 4.91 1.34 -28.44
N TYR C 147 5.86 1.43 -27.52
CA TYR C 147 7.24 1.72 -27.92
C TYR C 147 7.78 0.68 -28.89
N ALA C 148 7.43 -0.59 -28.72
CA ALA C 148 7.91 -1.60 -29.65
C ALA C 148 7.28 -1.37 -31.03
N GLU C 149 5.97 -1.15 -31.03
CA GLU C 149 5.27 -0.96 -32.28
C GLU C 149 5.72 0.33 -32.97
N ILE C 150 5.98 1.38 -32.18
CA ILE C 150 6.48 2.64 -32.74
C ILE C 150 7.76 2.31 -33.49
N ALA C 151 8.62 1.49 -32.89
CA ALA C 151 9.88 1.11 -33.52
C ALA C 151 9.64 0.28 -34.78
N GLU C 152 8.68 -0.64 -34.68
CA GLU C 152 8.34 -1.53 -35.78
C GLU C 152 7.86 -0.73 -36.99
N ARG C 153 7.35 0.46 -36.74
CA ARG C 153 6.75 1.29 -37.78
C ARG C 153 7.71 2.29 -38.36
N HIS C 154 8.55 2.89 -37.51
CA HIS C 154 9.46 3.93 -37.96
C HIS C 154 10.89 3.47 -38.06
N GLY C 155 11.13 2.18 -37.81
CA GLY C 155 12.47 1.61 -37.86
C GLY C 155 13.22 1.92 -39.14
N GLY C 156 12.52 1.87 -40.27
CA GLY C 156 13.13 2.11 -41.58
C GLY C 156 13.83 3.45 -41.73
N LYS C 157 13.30 4.49 -41.08
CA LYS C 157 13.88 5.83 -41.19
C LYS C 157 15.21 5.98 -40.46
N LEU C 158 15.57 5.00 -39.64
CA LEU C 158 16.81 5.07 -38.86
C LEU C 158 18.05 5.04 -39.74
N ARG C 159 17.95 4.29 -40.84
CA ARG C 159 18.99 4.15 -41.83
C ARG C 159 19.39 5.50 -42.42
N GLU C 160 18.43 6.41 -42.49
CA GLU C 160 18.66 7.75 -43.00
C GLU C 160 18.81 8.77 -41.86
N ASN C 161 18.72 8.31 -40.61
CA ASN C 161 18.74 9.19 -39.45
C ASN C 161 20.15 9.63 -39.09
N PRO C 162 20.46 10.92 -39.29
CA PRO C 162 21.80 11.43 -39.06
C PRO C 162 22.19 11.61 -37.59
N VAL C 163 21.22 11.49 -36.68
CA VAL C 163 21.51 11.78 -35.27
C VAL C 163 21.80 10.48 -34.50
N HIS C 164 22.99 10.41 -33.92
CA HIS C 164 23.44 9.20 -33.23
C HIS C 164 22.63 8.87 -31.98
N VAL C 165 22.38 9.88 -31.16
CA VAL C 165 21.65 9.67 -29.91
C VAL C 165 20.23 9.17 -30.17
N TYR C 166 19.57 9.72 -31.18
CA TYR C 166 18.22 9.26 -31.52
C TYR C 166 18.27 7.78 -31.91
N LYS C 167 19.28 7.40 -32.69
CA LYS C 167 19.41 6.01 -33.11
C LYS C 167 19.71 5.11 -31.93
N LYS C 168 20.53 5.58 -31.00
CA LYS C 168 20.87 4.79 -29.83
C LYS C 168 19.63 4.61 -28.96
N TRP C 169 18.85 5.68 -28.83
CA TRP C 169 17.62 5.66 -28.06
C TRP C 169 16.70 4.59 -28.62
N ALA C 170 16.59 4.58 -29.95
CA ALA C 170 15.67 3.70 -30.66
C ALA C 170 16.10 2.24 -30.64
N SER C 171 17.40 1.99 -30.53
CA SER C 171 17.92 0.63 -30.60
C SER C 171 17.31 -0.29 -29.54
N VAL C 172 17.01 0.23 -28.36
CA VAL C 172 16.44 -0.62 -27.34
C VAL C 172 15.12 -1.24 -27.80
N TYR C 173 14.26 -0.40 -28.37
CA TYR C 173 12.90 -0.82 -28.72
C TYR C 173 12.84 -1.70 -29.97
N LEU C 174 13.94 -1.79 -30.73
CA LEU C 174 14.05 -2.72 -31.85
C LEU C 174 14.72 -4.02 -31.38
N SER C 175 15.28 -4.02 -30.17
CA SER C 175 16.06 -5.16 -29.72
C SER C 175 15.19 -6.37 -29.38
N PRO C 176 15.61 -7.57 -29.80
CA PRO C 176 14.87 -8.76 -29.39
C PRO C 176 14.61 -8.85 -27.89
N GLU C 177 15.52 -8.36 -27.06
CA GLU C 177 15.35 -8.43 -25.60
C GLU C 177 14.15 -7.61 -25.15
N TYR C 178 13.94 -6.47 -25.80
CA TYR C 178 12.80 -5.61 -25.48
C TYR C 178 11.50 -6.19 -26.04
N ARG C 179 11.57 -6.69 -27.27
CA ARG C 179 10.42 -7.31 -27.92
C ARG C 179 9.96 -8.54 -27.13
N GLY C 180 10.91 -9.32 -26.64
CA GLY C 180 10.61 -10.51 -25.86
C GLY C 180 9.94 -10.13 -24.56
N LEU C 181 10.35 -8.98 -24.03
CA LEU C 181 9.82 -8.50 -22.77
C LEU C 181 8.35 -8.31 -23.10
N VAL C 182 8.11 -7.54 -24.15
CA VAL C 182 6.77 -7.26 -24.62
C VAL C 182 6.00 -8.56 -24.84
N GLU C 183 6.62 -9.52 -25.54
CA GLU C 183 5.99 -10.82 -25.80
C GLU C 183 5.57 -11.53 -24.52
N ARG C 184 6.48 -11.59 -23.55
CA ARG C 184 6.19 -12.28 -22.32
C ARG C 184 5.02 -11.62 -21.61
N LEU C 185 5.06 -10.30 -21.57
CA LEU C 185 4.04 -9.51 -20.86
C LEU C 185 2.67 -9.83 -21.44
N ARG C 186 2.59 -9.93 -22.76
CA ARG C 186 1.34 -10.27 -23.41
C ARG C 186 0.85 -11.64 -22.98
N ALA C 187 1.75 -12.63 -22.97
CA ALA C 187 1.36 -14.00 -22.65
C ALA C 187 0.86 -14.11 -21.21
N VAL C 188 1.42 -13.31 -20.31
CA VAL C 188 0.94 -13.24 -18.94
C VAL C 188 -0.53 -12.87 -18.99
N LEU C 189 -0.83 -11.78 -19.70
CA LEU C 189 -2.20 -11.30 -19.81
C LEU C 189 -3.08 -12.28 -20.58
N ASP C 190 -2.61 -12.76 -21.72
CA ASP C 190 -3.37 -13.72 -22.52
C ASP C 190 -3.59 -15.05 -21.79
N SER C 191 -2.83 -15.30 -20.73
CA SER C 191 -3.04 -16.49 -19.89
C SER C 191 -3.86 -16.17 -18.64
N SER C 192 -4.07 -14.89 -18.35
CA SER C 192 -4.80 -14.47 -17.15
C SER C 192 -6.14 -15.17 -16.96
N GLY C 193 -6.85 -15.41 -18.06
CA GLY C 193 -8.18 -15.99 -17.99
C GLY C 193 -9.23 -14.91 -17.72
N LEU C 194 -8.92 -13.68 -18.08
CA LEU C 194 -9.84 -12.55 -17.94
C LEU C 194 -10.19 -12.02 -19.34
N SER C 195 -11.34 -11.37 -19.47
CA SER C 195 -11.77 -10.89 -20.77
C SER C 195 -11.09 -9.57 -21.13
N ALA C 196 -11.33 -9.11 -22.35
CA ALA C 196 -10.75 -7.86 -22.82
C ALA C 196 -11.42 -6.71 -22.11
N GLU C 197 -12.74 -6.79 -21.98
CA GLU C 197 -13.46 -5.67 -21.40
C GLU C 197 -13.12 -5.46 -19.92
N GLU C 198 -12.75 -6.52 -19.22
CA GLU C 198 -12.33 -6.37 -17.84
C GLU C 198 -11.03 -5.58 -17.79
N LEU C 199 -10.14 -5.86 -18.74
CA LEU C 199 -8.83 -5.22 -18.81
C LEU C 199 -8.82 -3.91 -19.60
N TRP C 200 -9.86 -3.70 -20.40
CA TRP C 200 -9.91 -2.54 -21.30
C TRP C 200 -9.65 -1.21 -20.61
N PRO C 201 -10.42 -0.88 -19.58
CA PRO C 201 -10.25 0.43 -18.96
C PRO C 201 -8.80 0.79 -18.64
N TYR C 202 -8.03 -0.20 -18.21
CA TYR C 202 -6.64 -0.01 -17.78
C TYR C 202 -5.73 0.19 -18.98
N PHE C 203 -5.97 -0.62 -20.01
CA PHE C 203 -5.18 -0.54 -21.23
C PHE C 203 -5.45 0.81 -21.90
N LYS C 204 -6.72 1.22 -21.87
CA LYS C 204 -7.14 2.46 -22.51
C LYS C 204 -6.49 3.70 -21.91
N GLU C 205 -6.64 3.86 -20.60
CA GLU C 205 -6.13 5.03 -19.89
C GLU C 205 -4.63 5.18 -20.16
N ALA C 206 -3.90 4.11 -19.95
CA ALA C 206 -2.46 4.14 -20.16
C ALA C 206 -2.16 4.55 -21.59
N SER C 207 -2.92 4.02 -22.55
CA SER C 207 -2.71 4.37 -23.95
C SER C 207 -2.96 5.85 -24.16
N LEU C 208 -4.01 6.37 -23.52
CA LEU C 208 -4.31 7.80 -23.67
C LEU C 208 -3.15 8.62 -23.12
N TYR C 209 -2.60 8.18 -21.99
CA TYR C 209 -1.46 8.88 -21.41
C TYR C 209 -0.25 8.85 -22.34
N GLU C 210 -0.02 7.72 -22.98
CA GLU C 210 1.12 7.65 -23.90
C GLU C 210 0.96 8.73 -24.98
N LEU C 211 -0.26 8.91 -25.48
CA LEU C 211 -0.47 9.94 -26.49
C LEU C 211 -0.24 11.34 -25.94
N GLU C 212 -0.79 11.62 -24.76
CA GLU C 212 -0.58 12.91 -24.13
C GLU C 212 0.89 13.14 -23.81
N PHE C 213 1.63 12.07 -23.53
CA PHE C 213 3.02 12.22 -23.11
C PHE C 213 3.84 12.73 -24.28
N TRP C 214 3.66 12.09 -25.43
CA TRP C 214 4.34 12.51 -26.65
C TRP C 214 3.99 13.95 -26.99
N GLN C 215 2.71 14.28 -26.90
CA GLN C 215 2.28 15.63 -27.21
C GLN C 215 2.95 16.62 -26.25
N ALA C 216 2.96 16.29 -24.95
CA ALA C 216 3.58 17.18 -23.98
C ALA C 216 5.06 17.34 -24.26
N ALA C 217 5.71 16.27 -24.71
CA ALA C 217 7.13 16.32 -24.99
C ALA C 217 7.36 17.17 -26.23
N TYR C 218 6.39 17.13 -27.14
CA TYR C 218 6.50 17.87 -28.38
C TYR C 218 6.34 19.38 -28.18
N GLU C 219 5.42 19.78 -27.31
CA GLU C 219 5.18 21.19 -27.07
C GLU C 219 6.07 21.80 -25.98
N GLY C 220 6.99 21.03 -25.42
CA GLY C 220 7.80 21.50 -24.29
C GLY C 220 6.90 21.93 -23.16
N HIS C 221 5.75 21.26 -23.07
CA HIS C 221 4.60 21.62 -22.23
C HIS C 221 4.81 22.62 -21.10
N HIS D 5 34.67 -6.67 16.87
CA HIS D 5 35.05 -5.35 17.46
C HIS D 5 34.64 -4.21 16.53
N HIS D 6 35.01 -4.35 15.26
CA HIS D 6 34.69 -3.35 14.24
C HIS D 6 33.26 -3.44 13.71
N HIS D 7 32.40 -4.14 14.46
CA HIS D 7 30.97 -4.22 14.20
C HIS D 7 30.31 -3.55 15.40
N HIS D 8 30.96 -2.49 15.87
CA HIS D 8 30.61 -1.73 17.07
C HIS D 8 30.38 -0.28 16.68
N HIS D 9 30.68 0.02 15.42
CA HIS D 9 30.78 1.39 14.94
C HIS D 9 29.57 2.30 15.17
N GLY D 10 28.62 2.26 14.25
CA GLY D 10 27.50 3.20 14.26
C GLY D 10 26.14 2.66 14.66
N VAL D 11 25.11 3.22 14.03
CA VAL D 11 23.75 2.90 14.42
C VAL D 11 23.43 1.41 14.42
N THR D 12 23.88 0.71 13.39
CA THR D 12 23.59 -0.71 13.25
C THR D 12 24.37 -1.51 14.28
N GLY D 13 25.57 -1.03 14.58
CA GLY D 13 26.36 -1.66 15.64
C GLY D 13 25.63 -1.51 16.95
N GLU D 14 25.04 -0.34 17.16
CA GLU D 14 24.28 -0.04 18.36
C GLU D 14 23.11 -1.01 18.43
N LEU D 15 22.45 -1.22 17.29
CA LEU D 15 21.29 -2.09 17.27
C LEU D 15 21.67 -3.52 17.62
N ARG D 16 22.77 -3.97 17.04
CA ARG D 16 23.25 -5.32 17.24
C ARG D 16 23.57 -5.53 18.71
N ARG D 17 24.21 -4.54 19.31
CA ARG D 17 24.66 -4.70 20.68
C ARG D 17 23.44 -4.69 21.63
N ARG D 18 22.40 -3.93 21.32
CA ARG D 18 21.18 -3.98 22.12
C ARG D 18 20.44 -5.30 22.00
N ALA D 19 20.59 -5.96 20.87
CA ALA D 19 19.90 -7.21 20.63
C ALA D 19 20.80 -8.38 21.00
N ASP D 20 21.91 -8.09 21.68
CA ASP D 20 22.90 -9.11 21.99
C ASP D 20 22.24 -10.29 22.68
N GLY D 21 21.39 -10.00 23.66
CA GLY D 21 20.69 -11.06 24.36
C GLY D 21 20.01 -12.01 23.39
N ILE D 22 19.26 -11.45 22.46
CA ILE D 22 18.53 -12.25 21.47
C ILE D 22 19.48 -12.95 20.52
N TRP D 23 20.45 -12.22 19.99
CA TRP D 23 21.37 -12.78 19.02
C TRP D 23 22.21 -13.93 19.56
N GLN D 24 22.64 -13.86 20.81
CA GLN D 24 23.44 -14.94 21.39
C GLN D 24 22.60 -16.20 21.50
N ARG D 25 21.30 -16.05 21.76
CA ARG D 25 20.42 -17.22 21.78
C ARG D 25 20.29 -17.82 20.39
N ILE D 26 20.23 -16.98 19.38
CA ILE D 26 20.19 -17.45 18.00
C ILE D 26 21.49 -18.18 17.67
N LEU D 27 22.60 -17.49 17.94
CA LEU D 27 23.92 -18.03 17.61
C LEU D 27 24.20 -19.36 18.33
N ALA D 28 23.58 -19.55 19.50
CA ALA D 28 23.77 -20.81 20.22
C ALA D 28 22.59 -21.76 20.06
N HIS D 29 21.70 -21.49 19.11
CA HIS D 29 20.56 -22.39 18.98
C HIS D 29 20.98 -23.76 18.46
N PRO D 30 20.38 -24.83 19.04
CA PRO D 30 20.75 -26.18 18.62
C PRO D 30 20.51 -26.47 17.14
N PHE D 31 19.49 -25.87 16.55
CA PHE D 31 19.24 -26.14 15.13
C PHE D 31 20.45 -25.69 14.34
N VAL D 32 20.90 -24.47 14.64
CA VAL D 32 22.05 -23.87 13.96
C VAL D 32 23.33 -24.68 14.21
N ALA D 33 23.62 -24.99 15.48
CA ALA D 33 24.82 -25.74 15.83
C ALA D 33 24.85 -27.13 15.21
N GLU D 34 23.71 -27.80 15.19
CA GLU D 34 23.65 -29.13 14.60
C GLU D 34 23.78 -29.03 13.09
N LEU D 35 23.14 -28.03 12.50
CA LEU D 35 23.19 -27.84 11.05
C LEU D 35 24.64 -27.67 10.61
N TYR D 36 25.39 -26.83 11.29
CA TYR D 36 26.76 -26.61 10.88
C TYR D 36 27.64 -27.79 11.25
N ALA D 37 27.31 -28.43 12.37
CA ALA D 37 28.10 -29.56 12.85
C ALA D 37 27.91 -30.76 11.95
N GLY D 38 26.73 -30.85 11.34
CA GLY D 38 26.40 -31.97 10.47
C GLY D 38 25.57 -33.01 11.16
N THR D 39 25.16 -32.72 12.40
CA THR D 39 24.38 -33.66 13.21
C THR D 39 22.87 -33.49 13.11
N LEU D 40 22.41 -32.43 12.45
CA LEU D 40 20.99 -32.17 12.32
C LEU D 40 20.29 -33.26 11.52
N PRO D 41 19.21 -33.83 12.07
CA PRO D 41 18.43 -34.84 11.36
C PRO D 41 17.86 -34.30 10.05
N MET D 42 18.04 -35.05 8.97
CA MET D 42 17.61 -34.61 7.65
C MET D 42 16.15 -34.15 7.61
N GLU D 43 15.28 -34.79 8.38
CA GLU D 43 13.87 -34.41 8.40
C GLU D 43 13.67 -32.96 8.85
N LYS D 44 14.41 -32.54 9.87
CA LYS D 44 14.34 -31.17 10.35
C LYS D 44 14.85 -30.18 9.29
N PHE D 45 15.87 -30.58 8.54
CA PHE D 45 16.38 -29.75 7.47
C PHE D 45 15.31 -29.61 6.39
N LYS D 46 14.72 -30.74 6.00
CA LYS D 46 13.66 -30.75 5.00
C LYS D 46 12.55 -29.82 5.45
N TYR D 47 12.10 -30.02 6.68
CA TYR D 47 11.05 -29.20 7.23
C TYR D 47 11.45 -27.73 7.11
N TYR D 48 12.69 -27.45 7.49
CA TYR D 48 13.21 -26.08 7.47
C TYR D 48 13.21 -25.51 6.07
N LEU D 49 13.60 -26.32 5.09
CA LEU D 49 13.65 -25.84 3.71
C LEU D 49 12.27 -25.48 3.19
N LEU D 50 11.28 -26.30 3.52
CA LEU D 50 9.91 -26.00 3.11
C LEU D 50 9.48 -24.65 3.67
N GLN D 51 9.68 -24.48 4.96
CA GLN D 51 9.28 -23.24 5.58
C GLN D 51 10.03 -22.06 4.99
N ASP D 52 11.35 -22.19 4.88
CA ASP D 52 12.19 -21.05 4.52
C ASP D 52 11.98 -20.55 3.08
N TYR D 53 11.52 -21.38 2.15
CA TYR D 53 11.34 -20.91 0.77
C TYR D 53 10.14 -19.97 0.71
N ASN D 54 9.12 -20.35 1.45
CA ASN D 54 7.91 -19.55 1.56
C ASN D 54 8.31 -18.21 2.16
N TYR D 55 9.21 -18.29 3.13
CA TYR D 55 9.73 -17.08 3.71
C TYR D 55 10.42 -16.23 2.65
N LEU D 56 11.38 -16.82 1.94
CA LEU D 56 12.17 -16.06 0.98
C LEU D 56 11.27 -15.42 -0.06
N VAL D 57 10.26 -16.16 -0.50
CA VAL D 57 9.32 -15.60 -1.45
C VAL D 57 8.69 -14.31 -0.89
N ASN D 58 8.20 -14.42 0.34
CA ASN D 58 7.57 -13.28 0.99
C ASN D 58 8.58 -12.22 1.38
N PHE D 59 9.81 -12.63 1.60
CA PHE D 59 10.88 -11.68 1.88
C PHE D 59 11.07 -10.84 0.63
N ALA D 60 11.06 -11.49 -0.52
CA ALA D 60 11.27 -10.79 -1.79
C ALA D 60 10.19 -9.74 -1.96
N LYS D 61 8.96 -10.15 -1.64
CA LYS D 61 7.85 -9.23 -1.77
C LYS D 61 8.05 -8.03 -0.84
N ALA D 62 8.52 -8.29 0.37
CA ALA D 62 8.74 -7.21 1.35
C ALA D 62 9.76 -6.20 0.83
N LEU D 63 10.84 -6.70 0.22
CA LEU D 63 11.85 -5.81 -0.34
C LEU D 63 11.21 -4.97 -1.43
N SER D 64 10.38 -5.63 -2.23
CA SER D 64 9.71 -4.96 -3.34
C SER D 64 8.90 -3.78 -2.81
N LEU D 65 8.14 -4.03 -1.75
CA LEU D 65 7.35 -2.98 -1.13
C LEU D 65 8.21 -1.82 -0.61
N ALA D 66 9.31 -2.15 0.06
CA ALA D 66 10.21 -1.11 0.55
C ALA D 66 10.74 -0.33 -0.64
N ALA D 67 11.10 -1.03 -1.70
CA ALA D 67 11.61 -0.40 -2.91
C ALA D 67 10.60 0.60 -3.41
N SER D 68 9.33 0.18 -3.37
CA SER D 68 8.24 0.99 -3.92
C SER D 68 8.22 2.39 -3.33
N ARG D 69 8.70 2.58 -2.10
CA ARG D 69 8.83 3.96 -1.64
C ARG D 69 10.18 4.32 -1.04
N ALA D 70 11.24 3.92 -1.73
CA ALA D 70 12.56 4.40 -1.38
C ALA D 70 12.51 5.92 -1.54
N PRO D 71 13.11 6.66 -0.60
CA PRO D 71 13.18 8.11 -0.71
C PRO D 71 14.24 8.65 -1.67
N SER D 72 14.99 7.76 -2.33
CA SER D 72 15.93 8.20 -3.37
C SER D 72 16.11 7.09 -4.38
N VAL D 73 16.55 7.47 -5.56
CA VAL D 73 16.78 6.49 -6.63
C VAL D 73 17.78 5.45 -6.14
N ASP D 74 18.86 5.88 -5.51
CA ASP D 74 19.89 4.96 -5.03
C ASP D 74 19.26 3.94 -4.08
N LEU D 75 18.60 4.44 -3.04
CA LEU D 75 17.95 3.57 -2.08
C LEU D 75 17.01 2.60 -2.79
N MET D 76 16.26 3.07 -3.76
CA MET D 76 15.35 2.19 -4.49
C MET D 76 16.13 1.15 -5.27
N LYS D 77 17.10 1.60 -6.05
CA LYS D 77 17.92 0.67 -6.81
C LYS D 77 18.38 -0.48 -5.91
N THR D 78 18.74 -0.15 -4.67
CA THR D 78 19.16 -1.19 -3.73
C THR D 78 18.04 -2.18 -3.47
N ALA D 79 16.99 -1.71 -2.82
CA ALA D 79 15.83 -2.54 -2.53
C ALA D 79 15.53 -3.47 -3.70
N LEU D 80 15.34 -2.88 -4.87
CA LEU D 80 15.02 -3.66 -6.06
C LEU D 80 16.07 -4.73 -6.31
N GLU D 81 17.32 -4.47 -5.91
CA GLU D 81 18.35 -5.46 -6.17
C GLU D 81 18.09 -6.65 -5.26
N LEU D 82 18.03 -6.38 -3.96
CA LEU D 82 17.81 -7.47 -3.01
C LEU D 82 16.58 -8.26 -3.42
N ALA D 83 15.47 -7.58 -3.67
CA ALA D 83 14.23 -8.26 -4.04
C ALA D 83 14.44 -9.21 -5.24
N TYR D 84 15.13 -8.75 -6.26
CA TYR D 84 15.44 -9.59 -7.42
C TYR D 84 16.68 -10.44 -7.14
N GLY D 85 17.65 -9.85 -6.45
CA GLY D 85 18.84 -10.57 -6.00
C GLY D 85 18.51 -11.57 -4.90
N THR D 86 17.22 -11.79 -4.66
CA THR D 86 16.73 -12.79 -3.69
C THR D 86 16.07 -13.91 -4.48
N VAL D 87 15.50 -13.58 -5.63
CA VAL D 87 14.98 -14.58 -6.55
C VAL D 87 16.19 -15.21 -7.24
N THR D 88 17.21 -14.38 -7.44
CA THR D 88 18.43 -14.74 -8.16
C THR D 88 19.42 -15.57 -7.35
N GLY D 89 19.62 -15.15 -6.10
CA GLY D 89 20.49 -15.84 -5.17
C GLY D 89 19.65 -16.73 -4.28
N GLU D 90 19.68 -16.46 -2.98
CA GLU D 90 19.00 -17.30 -2.00
C GLU D 90 17.91 -18.20 -2.59
N MET D 91 16.92 -17.62 -3.24
CA MET D 91 15.83 -18.43 -3.78
C MET D 91 16.29 -19.46 -4.81
N ALA D 92 17.20 -19.06 -5.69
CA ALA D 92 17.72 -19.96 -6.71
C ALA D 92 18.39 -21.18 -6.08
N ASN D 93 19.29 -20.94 -5.14
CA ASN D 93 20.00 -22.03 -4.50
C ASN D 93 19.02 -22.95 -3.78
N TYR D 94 18.12 -22.34 -2.99
CA TYR D 94 17.12 -23.11 -2.26
C TYR D 94 16.40 -24.07 -3.18
N GLU D 95 16.12 -23.64 -4.40
CA GLU D 95 15.47 -24.51 -5.38
C GLU D 95 16.33 -25.74 -5.64
N ALA D 96 17.65 -25.56 -5.71
CA ALA D 96 18.60 -26.67 -5.84
C ALA D 96 18.73 -27.49 -4.55
N LEU D 97 18.71 -26.82 -3.40
CA LEU D 97 18.80 -27.54 -2.14
C LEU D 97 17.62 -28.50 -1.98
N LEU D 98 16.44 -28.05 -2.39
CA LEU D 98 15.22 -28.88 -2.33
C LEU D 98 15.26 -30.03 -3.32
N LYS D 99 15.55 -29.73 -4.58
CA LYS D 99 15.61 -30.74 -5.63
C LYS D 99 16.55 -31.88 -5.22
N GLU D 100 17.70 -31.53 -4.64
CA GLU D 100 18.69 -32.51 -4.23
C GLU D 100 18.15 -33.42 -3.12
N VAL D 101 17.26 -32.87 -2.30
CA VAL D 101 16.70 -33.60 -1.18
C VAL D 101 15.38 -34.28 -1.55
N GLY D 102 14.98 -34.18 -2.81
CA GLY D 102 13.80 -34.91 -3.28
C GLY D 102 12.50 -34.19 -3.06
N LEU D 103 12.57 -32.86 -2.95
CA LEU D 103 11.37 -32.05 -2.78
C LEU D 103 11.20 -31.14 -3.99
N SER D 104 9.98 -31.01 -4.48
CA SER D 104 9.70 -30.16 -5.64
C SER D 104 9.24 -28.77 -5.24
N LEU D 105 9.24 -27.85 -6.21
CA LEU D 105 8.71 -26.51 -5.97
C LEU D 105 7.22 -26.60 -5.64
N ARG D 106 6.57 -27.62 -6.19
CA ARG D 106 5.18 -27.91 -5.88
C ARG D 106 5.05 -28.27 -4.40
N ASP D 107 5.93 -29.14 -3.92
CA ASP D 107 5.95 -29.49 -2.50
C ASP D 107 6.09 -28.23 -1.65
N ALA D 108 6.92 -27.30 -2.12
CA ALA D 108 7.13 -26.03 -1.45
C ALA D 108 5.85 -25.20 -1.40
N ALA D 109 5.20 -25.08 -2.56
CA ALA D 109 3.94 -24.36 -2.66
C ALA D 109 2.89 -24.96 -1.72
N GLU D 110 2.98 -26.27 -1.50
CA GLU D 110 1.98 -27.00 -0.72
C GLU D 110 2.31 -27.08 0.76
N ALA D 111 3.55 -26.83 1.12
CA ALA D 111 3.94 -26.83 2.53
C ALA D 111 3.25 -25.68 3.25
N GLU D 112 2.52 -26.01 4.31
CA GLU D 112 1.86 -24.98 5.11
C GLU D 112 2.87 -24.31 6.02
N PRO D 113 2.96 -22.98 5.94
CA PRO D 113 3.85 -22.28 6.87
C PRO D 113 3.42 -22.47 8.33
N ASN D 114 4.38 -22.60 9.24
CA ASN D 114 4.00 -22.70 10.65
C ASN D 114 3.68 -21.30 11.14
N ARG D 115 3.17 -21.21 12.37
CA ARG D 115 2.66 -19.96 12.89
C ARG D 115 3.73 -18.88 12.95
N VAL D 116 4.95 -19.24 13.30
CA VAL D 116 6.00 -18.24 13.38
C VAL D 116 6.26 -17.68 11.98
N ASN D 117 6.29 -18.58 11.01
CA ASN D 117 6.54 -18.21 9.64
C ASN D 117 5.45 -17.25 9.22
N VAL D 118 4.21 -17.56 9.53
CA VAL D 118 3.14 -16.69 9.10
C VAL D 118 3.34 -15.32 9.73
N SER D 119 3.60 -15.35 11.03
CA SER D 119 3.75 -14.14 11.79
C SER D 119 4.92 -13.30 11.27
N TYR D 120 6.06 -13.93 11.07
CA TYR D 120 7.26 -13.23 10.63
C TYR D 120 7.03 -12.63 9.25
N MET D 121 6.55 -13.45 8.33
CA MET D 121 6.30 -12.96 6.98
C MET D 121 5.30 -11.82 7.04
N ALA D 122 4.29 -11.93 7.89
CA ALA D 122 3.33 -10.85 8.00
C ALA D 122 4.01 -9.59 8.54
N TYR D 123 4.91 -9.77 9.50
CA TYR D 123 5.57 -8.62 10.12
C TYR D 123 6.39 -7.86 9.08
N LEU D 124 7.10 -8.58 8.22
CA LEU D 124 7.97 -7.95 7.24
C LEU D 124 7.16 -7.24 6.18
N LYS D 125 6.12 -7.93 5.71
CA LYS D 125 5.29 -7.34 4.67
C LYS D 125 4.55 -6.12 5.22
N SER D 126 3.99 -6.30 6.40
CA SER D 126 3.24 -5.23 7.06
C SER D 126 4.12 -4.00 7.20
N THR D 127 5.32 -4.21 7.70
CA THR D 127 6.28 -3.14 7.90
C THR D 127 6.67 -2.49 6.60
N CYS D 128 7.07 -3.31 5.64
CA CYS D 128 7.50 -2.78 4.35
C CYS D 128 6.39 -2.13 3.56
N ALA D 129 5.13 -2.43 3.87
CA ALA D 129 4.06 -1.75 3.15
C ALA D 129 3.72 -0.41 3.78
N LEU D 130 4.01 -0.26 5.06
CA LEU D 130 3.49 0.86 5.82
C LEU D 130 4.51 1.81 6.44
N GLU D 131 5.65 1.27 6.83
CA GLU D 131 6.59 2.07 7.59
C GLU D 131 7.60 2.82 6.75
N GLY D 132 8.32 3.74 7.39
CA GLY D 132 9.34 4.51 6.70
C GLY D 132 10.35 3.56 6.09
N PHE D 133 10.97 3.96 4.98
CA PHE D 133 11.92 3.11 4.28
C PHE D 133 13.02 2.59 5.21
N TYR D 134 13.57 3.46 6.04
CA TYR D 134 14.68 3.06 6.90
C TYR D 134 14.22 2.10 7.98
N GLN D 135 13.01 2.33 8.50
CA GLN D 135 12.43 1.43 9.45
C GLN D 135 12.31 0.04 8.85
N CYS D 136 11.98 -0.01 7.56
CA CYS D 136 11.81 -1.29 6.90
C CYS D 136 13.16 -1.96 6.87
N MET D 137 14.16 -1.21 6.42
CA MET D 137 15.51 -1.75 6.34
C MET D 137 15.93 -2.29 7.71
N ALA D 138 15.56 -1.60 8.77
CA ALA D 138 15.94 -2.04 10.12
C ALA D 138 15.25 -3.35 10.45
N ALA D 139 14.04 -3.55 9.92
CA ALA D 139 13.32 -4.79 10.12
C ALA D 139 13.95 -5.90 9.28
N LEU D 140 14.57 -5.54 8.17
CA LEU D 140 15.08 -6.55 7.24
C LEU D 140 16.51 -6.94 7.55
N LEU D 141 17.23 -6.06 8.24
CA LEU D 141 18.64 -6.27 8.49
C LEU D 141 18.94 -7.53 9.32
N PRO D 142 18.20 -7.73 10.42
CA PRO D 142 18.51 -8.91 11.24
C PRO D 142 18.47 -10.20 10.46
N CYS D 143 17.50 -10.29 9.56
CA CYS D 143 17.29 -11.48 8.76
C CYS D 143 18.58 -11.74 7.99
N PHE D 144 19.08 -10.70 7.32
CA PHE D 144 20.32 -10.82 6.54
C PHE D 144 21.56 -11.05 7.41
N TRP D 145 21.69 -10.20 8.41
CA TRP D 145 22.91 -10.11 9.20
C TRP D 145 23.09 -11.35 10.12
N SER D 146 22.03 -11.76 10.82
CA SER D 146 22.11 -12.91 11.70
C SER D 146 22.65 -14.14 10.97
N TYR D 147 22.13 -14.39 9.78
CA TYR D 147 22.62 -15.52 8.99
C TYR D 147 24.12 -15.38 8.68
N ALA D 148 24.61 -14.16 8.44
CA ALA D 148 26.04 -14.01 8.19
C ALA D 148 26.82 -14.31 9.46
N GLU D 149 26.36 -13.73 10.56
CA GLU D 149 27.05 -13.92 11.82
C GLU D 149 26.99 -15.36 12.29
N ILE D 150 25.87 -16.03 12.06
CA ILE D 150 25.75 -17.44 12.38
C ILE D 150 26.86 -18.17 11.65
N ALA D 151 27.05 -17.84 10.37
CA ALA D 151 28.08 -18.49 9.57
C ALA D 151 29.47 -18.15 10.12
N GLU D 152 29.65 -16.89 10.49
CA GLU D 152 30.93 -16.41 11.00
C GLU D 152 31.30 -17.18 12.27
N ARG D 153 30.28 -17.68 12.96
CA ARG D 153 30.48 -18.34 14.25
C ARG D 153 30.69 -19.84 14.13
N HIS D 154 29.91 -20.47 13.26
CA HIS D 154 29.91 -21.91 13.15
C HIS D 154 30.62 -22.40 11.88
N GLY D 155 31.18 -21.48 11.12
CA GLY D 155 31.89 -21.81 9.90
C GLY D 155 32.92 -22.90 10.06
N GLY D 156 33.67 -22.87 11.16
CA GLY D 156 34.71 -23.85 11.43
C GLY D 156 34.28 -25.31 11.44
N LYS D 157 33.06 -25.58 11.89
CA LYS D 157 32.54 -26.95 11.98
C LYS D 157 32.23 -27.56 10.62
N LEU D 158 32.23 -26.74 9.57
CA LEU D 158 31.91 -27.20 8.23
C LEU D 158 32.93 -28.18 7.64
N ARG D 159 34.21 -27.98 7.94
CA ARG D 159 35.22 -28.90 7.42
C ARG D 159 35.00 -30.29 8.02
N GLU D 160 34.43 -30.34 9.23
CA GLU D 160 34.14 -31.60 9.89
C GLU D 160 32.70 -32.05 9.60
N ASN D 161 31.96 -31.31 8.77
CA ASN D 161 30.56 -31.60 8.46
C ASN D 161 30.39 -32.60 7.30
N PRO D 162 29.90 -33.82 7.61
CA PRO D 162 29.82 -34.86 6.59
C PRO D 162 28.65 -34.71 5.61
N VAL D 163 27.75 -33.76 5.86
CA VAL D 163 26.57 -33.64 5.02
C VAL D 163 26.75 -32.55 3.97
N HIS D 164 26.66 -32.95 2.71
CA HIS D 164 26.90 -32.05 1.59
C HIS D 164 25.87 -30.92 1.45
N VAL D 165 24.60 -31.25 1.59
CA VAL D 165 23.55 -30.26 1.47
C VAL D 165 23.67 -29.18 2.53
N TYR D 166 23.98 -29.57 3.76
CA TYR D 166 24.14 -28.61 4.83
C TYR D 166 25.28 -27.66 4.50
N LYS D 167 26.37 -28.19 3.94
CA LYS D 167 27.52 -27.38 3.57
C LYS D 167 27.18 -26.45 2.42
N LYS D 168 26.39 -26.94 1.47
CA LYS D 168 25.99 -26.15 0.32
C LYS D 168 25.09 -25.00 0.80
N TRP D 169 24.19 -25.34 1.71
CA TRP D 169 23.29 -24.35 2.28
C TRP D 169 24.10 -23.23 2.90
N ALA D 170 25.11 -23.62 3.68
CA ALA D 170 25.91 -22.68 4.45
C ALA D 170 26.82 -21.81 3.57
N SER D 171 27.22 -22.34 2.42
CA SER D 171 28.17 -21.64 1.57
C SER D 171 27.70 -20.23 1.20
N VAL D 172 26.41 -20.03 0.99
CA VAL D 172 25.94 -18.70 0.61
C VAL D 172 26.30 -17.68 1.69
N TYR D 173 26.02 -18.04 2.95
CA TYR D 173 26.17 -17.10 4.06
C TYR D 173 27.62 -16.82 4.45
N LEU D 174 28.55 -17.62 3.93
CA LEU D 174 29.98 -17.38 4.09
C LEU D 174 30.53 -16.60 2.90
N SER D 175 29.74 -16.50 1.83
CA SER D 175 30.23 -15.92 0.58
C SER D 175 30.42 -14.42 0.70
N PRO D 176 31.52 -13.89 0.13
CA PRO D 176 31.67 -12.44 0.11
C PRO D 176 30.47 -11.70 -0.50
N GLU D 177 29.80 -12.30 -1.47
CA GLU D 177 28.64 -11.66 -2.12
C GLU D 177 27.51 -11.43 -1.12
N TYR D 178 27.32 -12.38 -0.22
CA TYR D 178 26.31 -12.28 0.83
C TYR D 178 26.74 -11.35 1.98
N ARG D 179 27.96 -11.55 2.45
CA ARG D 179 28.54 -10.72 3.50
C ARG D 179 28.53 -9.24 3.13
N GLY D 180 28.79 -8.96 1.86
CA GLY D 180 28.77 -7.58 1.36
C GLY D 180 27.36 -7.04 1.37
N LEU D 181 26.40 -7.92 1.09
CA LEU D 181 25.01 -7.51 1.04
C LEU D 181 24.73 -6.87 2.40
N VAL D 182 25.10 -7.60 3.44
CA VAL D 182 24.94 -7.16 4.82
C VAL D 182 25.66 -5.85 5.06
N GLU D 183 26.91 -5.76 4.59
CA GLU D 183 27.71 -4.55 4.68
C GLU D 183 26.95 -3.37 4.07
N ARG D 184 26.42 -3.54 2.87
CA ARG D 184 25.72 -2.44 2.20
C ARG D 184 24.44 -2.11 2.95
N LEU D 185 23.72 -3.14 3.38
CA LEU D 185 22.50 -2.92 4.14
C LEU D 185 22.80 -2.04 5.35
N ARG D 186 23.87 -2.39 6.05
CA ARG D 186 24.26 -1.66 7.24
C ARG D 186 24.62 -0.20 6.96
N ALA D 187 25.36 0.04 5.89
CA ALA D 187 25.80 1.38 5.51
C ALA D 187 24.60 2.22 5.12
N VAL D 188 23.63 1.59 4.48
CA VAL D 188 22.39 2.27 4.13
C VAL D 188 21.79 2.85 5.40
N LEU D 189 21.67 2.01 6.43
CA LEU D 189 21.11 2.44 7.71
C LEU D 189 22.05 3.40 8.44
N ASP D 190 23.34 3.08 8.45
CA ASP D 190 24.31 3.91 9.16
C ASP D 190 24.38 5.33 8.60
N SER D 191 23.94 5.53 7.35
CA SER D 191 23.95 6.86 6.74
C SER D 191 22.57 7.51 6.78
N SER D 192 21.59 6.83 7.37
CA SER D 192 20.23 7.34 7.37
C SER D 192 20.06 8.67 8.09
N GLY D 193 20.81 8.88 9.17
CA GLY D 193 20.58 10.04 10.02
C GLY D 193 19.56 9.73 11.10
N LEU D 194 19.12 8.47 11.16
CA LEU D 194 18.16 8.04 12.17
C LEU D 194 18.89 7.39 13.36
N SER D 195 18.39 7.65 14.56
CA SER D 195 19.02 7.10 15.76
C SER D 195 18.73 5.60 15.90
N ALA D 196 19.38 4.99 16.87
CA ALA D 196 19.20 3.58 17.15
C ALA D 196 17.83 3.40 17.77
N GLU D 197 17.51 4.34 18.66
CA GLU D 197 16.24 4.32 19.39
C GLU D 197 15.08 4.23 18.40
N GLU D 198 15.18 5.00 17.32
CA GLU D 198 14.10 5.05 16.34
C GLU D 198 13.99 3.75 15.57
N LEU D 199 15.12 3.12 15.29
CA LEU D 199 15.16 1.89 14.52
C LEU D 199 15.04 0.62 15.37
N TRP D 200 15.26 0.74 16.67
CA TRP D 200 15.31 -0.42 17.56
C TRP D 200 14.10 -1.33 17.49
N PRO D 201 12.90 -0.79 17.62
CA PRO D 201 11.73 -1.68 17.67
C PRO D 201 11.65 -2.62 16.48
N TYR D 202 12.09 -2.14 15.33
CA TYR D 202 12.00 -2.91 14.09
C TYR D 202 13.08 -3.98 14.04
N PHE D 203 14.27 -3.60 14.52
CA PHE D 203 15.39 -4.54 14.55
C PHE D 203 15.08 -5.65 15.54
N LYS D 204 14.55 -5.24 16.69
CA LYS D 204 14.22 -6.15 17.78
C LYS D 204 13.19 -7.20 17.39
N GLU D 205 12.05 -6.77 16.87
CA GLU D 205 10.97 -7.70 16.53
C GLU D 205 11.47 -8.73 15.54
N ALA D 206 12.15 -8.26 14.50
CA ALA D 206 12.67 -9.19 13.50
C ALA D 206 13.63 -10.17 14.15
N SER D 207 14.49 -9.68 15.02
CA SER D 207 15.44 -10.56 15.70
C SER D 207 14.69 -11.61 16.51
N LEU D 208 13.64 -11.19 17.20
CA LEU D 208 12.88 -12.14 18.00
C LEU D 208 12.29 -13.21 17.09
N TYR D 209 11.81 -12.79 15.92
CA TYR D 209 11.25 -13.74 14.95
C TYR D 209 12.30 -14.71 14.43
N GLU D 210 13.51 -14.23 14.21
CA GLU D 210 14.57 -15.13 13.78
C GLU D 210 14.76 -16.22 14.83
N LEU D 211 14.73 -15.86 16.11
CA LEU D 211 14.91 -16.86 17.15
C LEU D 211 13.77 -17.86 17.17
N GLU D 212 12.53 -17.36 17.13
CA GLU D 212 11.37 -18.24 17.09
C GLU D 212 11.37 -19.13 15.86
N PHE D 213 11.92 -18.63 14.76
CA PHE D 213 11.89 -19.40 13.51
C PHE D 213 12.77 -20.63 13.63
N TRP D 214 13.98 -20.44 14.16
CA TRP D 214 14.86 -21.57 14.42
C TRP D 214 14.22 -22.56 15.38
N GLN D 215 13.62 -22.05 16.45
CA GLN D 215 12.98 -22.95 17.40
C GLN D 215 11.86 -23.73 16.72
N ALA D 216 11.05 -23.03 15.92
CA ALA D 216 9.95 -23.73 15.26
C ALA D 216 10.47 -24.80 14.32
N ALA D 217 11.60 -24.53 13.65
CA ALA D 217 12.15 -25.46 12.69
C ALA D 217 12.73 -26.63 13.44
N TYR D 218 13.20 -26.38 14.66
CA TYR D 218 13.81 -27.43 15.46
C TYR D 218 12.76 -28.39 16.00
N GLU D 219 11.61 -27.87 16.41
CA GLU D 219 10.55 -28.71 16.98
C GLU D 219 9.57 -29.26 15.95
N GLY D 220 9.82 -29.02 14.67
CA GLY D 220 8.87 -29.43 13.63
C GLY D 220 7.46 -28.89 13.85
N HIS D 221 7.35 -27.68 14.41
CA HIS D 221 6.06 -27.05 14.71
C HIS D 221 4.95 -27.32 13.70
CM2 HMH E . -13.24 17.60 -7.70
N1A HMH E . -12.90 18.58 -5.46
C2A HMH E . -13.71 17.89 -6.27
N3A HMH E . -14.90 17.45 -5.84
C4A HMH E . -15.31 17.67 -4.58
N4A HMH E . -16.49 17.25 -4.13
C5A HMH E . -14.49 18.39 -3.72
C6A HMH E . -13.27 18.84 -4.21
C7A HMH E . -14.85 18.71 -2.26
O1 HMH E . -14.19 17.79 -1.37
C1 EDO F . -4.68 15.34 -18.27
O1 EDO F . -3.65 14.35 -18.35
C2 EDO F . -4.64 16.04 -16.91
O2 EDO F . -3.40 16.73 -16.72
CM2 HMH G . -7.39 -8.61 20.41
N1A HMH G . -9.64 -8.81 19.39
C2A HMH G . -8.79 -8.08 20.13
N3A HMH G . -9.15 -6.89 20.62
C4A HMH G . -10.36 -6.39 20.41
N4A HMH G . -10.70 -5.21 20.91
C5A HMH G . -11.26 -7.14 19.65
C6A HMH G . -10.85 -8.36 19.15
C7A HMH G . -12.66 -6.67 19.28
O1 HMH G . -12.56 -5.84 18.13
CM2 HMH H . 6.22 7.16 -21.40
N1A HMH H . 6.32 4.79 -22.03
C2A HMH H . 7.02 5.88 -21.68
N3A HMH H . 8.36 5.84 -21.58
C4A HMH H . 9.04 4.71 -21.82
N4A HMH H . 10.38 4.68 -21.72
C5A HMH H . 8.33 3.56 -22.18
C6A HMH H . 6.94 3.65 -22.26
C7A HMH H . 8.93 2.18 -22.47
O1 HMH H . 8.60 1.29 -21.40
CM2 HMH I . 14.29 -16.92 8.24
N1A HMH I . 16.03 -15.25 7.73
C2A HMH I . 15.40 -16.38 7.36
N3A HMH I . 15.75 -17.00 6.22
C4A HMH I . 16.72 -16.52 5.44
N4A HMH I . 17.07 -17.15 4.32
C5A HMH I . 17.39 -15.37 5.82
C6A HMH I . 17.00 -14.73 6.99
C7A HMH I . 18.50 -14.71 4.99
O1 HMH I . 17.90 -13.63 4.24
C1 EDO J . 4.44 -16.39 16.45
O1 EDO J . 4.93 -15.77 17.64
C2 EDO J . 3.08 -17.09 16.69
O2 EDO J . 2.00 -16.19 16.94
#